data_6B1B
#
_entry.id   6B1B
#
_cell.length_a   100.455
_cell.length_b   100.455
_cell.length_c   336.435
_cell.angle_alpha   90.00
_cell.angle_beta   90.00
_cell.angle_gamma   90.00
#
_symmetry.space_group_name_H-M   'P 43 2 2'
#
loop_
_entity.id
_entity.type
_entity.pdbx_description
1 polymer '4-hydroxyphenylacetate 3-monooxygenase, oxygenase subunit'
2 non-polymer 'trimethylamine oxide'
3 water water
#
_entity_poly.entity_id   1
_entity_poly.type   'polypeptide(L)'
_entity_poly.pdbx_seq_one_letter_code
;MHHHHHHHKPEDFRASTQRPFTGEEYLKSLQDGREIYIYGERVKDVTTHPAFRNAAASVAQLYDALHKPEMQDSLCWNTD
TGSGGYTHKFFRVAKSADDLRQQRDAIAEWSRLSYGWMGRTPDYKAAFGCALGANPGFYGQFEQNARNWYTRIQETGLYF
NHAIVNPPIDRHLPTDKVKDVYIKLEKETDAGIIVSGAKVVATNSALTHYNMIGSGSDLGSGSDPDFALMFVAPMDADGV
KLISRASYEMVAGATGSPYDYPLSSRFDENDAILVMDNVLIPWENVLIYRDFDRCRRWTMEGGFARMYPLQACVRLAVKL
DFITALLKKSLECTGTLEFRGVQADLGEVVAWRNTFWALSDSMCSEATPWVNGAYLPDHAALQTYRVLAPMAYAKIKNII
ERNVTSGLIYLPSSARDLNNPQIDQYLAKYVRGSNGMDHVQRIKILKLMWDAIGSEFGGRHELYEINYSGSQDEIRLQCL
RQAQNSGNMDKMMAMVDRCLSEYDQDGWTVPHLHNNDDINMLDKLLK
;
_entity_poly.pdbx_strand_id   A,B
#
# COMPACT_ATOMS: atom_id res chain seq x y z
N LYS A 9 32.25 30.20 5.90
CA LYS A 9 31.49 28.95 6.02
C LYS A 9 30.10 29.25 6.58
N PRO A 10 29.05 28.76 5.91
CA PRO A 10 27.69 29.07 6.39
C PRO A 10 27.46 28.66 7.84
N GLU A 11 27.98 27.53 8.28
CA GLU A 11 27.73 27.12 9.65
C GLU A 11 28.43 28.00 10.67
N ASP A 12 29.36 28.87 10.24
CA ASP A 12 29.98 29.78 11.20
C ASP A 12 29.04 30.90 11.61
N PHE A 13 27.85 30.98 11.02
CA PHE A 13 26.84 31.88 11.55
C PHE A 13 26.19 31.35 12.83
N ARG A 14 26.44 30.10 13.19
CA ARG A 14 25.89 29.58 14.45
C ARG A 14 26.63 30.16 15.64
N ALA A 15 25.89 30.41 16.72
CA ALA A 15 26.50 30.79 17.99
C ALA A 15 27.09 29.60 18.75
N SER A 16 26.86 28.37 18.28
CA SER A 16 27.33 27.16 18.94
C SER A 16 27.62 26.11 17.88
N THR A 17 28.68 25.34 18.09
CA THR A 17 28.97 24.25 17.16
C THR A 17 28.33 22.93 17.58
N GLN A 18 27.57 22.93 18.67
CA GLN A 18 27.00 21.71 19.22
C GLN A 18 25.51 21.58 18.91
N ARG A 19 25.03 22.30 17.90
CA ARG A 19 23.65 22.17 17.44
C ARG A 19 23.59 22.68 16.01
N PRO A 20 22.53 22.30 15.25
CA PRO A 20 22.35 22.89 13.93
C PRO A 20 21.95 24.35 14.02
N PHE A 21 21.83 25.00 12.86
CA PHE A 21 21.32 26.36 12.76
C PHE A 21 20.06 26.56 13.59
N THR A 22 19.93 27.73 14.19
CA THR A 22 18.61 28.25 14.48
C THR A 22 18.04 28.87 13.22
N GLY A 23 16.74 29.18 13.23
CA GLY A 23 16.14 29.83 12.06
C GLY A 23 16.81 31.14 11.72
N GLU A 24 17.06 31.98 12.73
CA GLU A 24 17.69 33.27 12.48
C GLU A 24 19.11 33.10 11.95
N GLU A 25 19.86 32.13 12.47
CA GLU A 25 21.20 31.86 11.95
C GLU A 25 21.15 31.36 10.51
N TYR A 26 20.21 30.45 10.21
CA TYR A 26 20.04 30.00 8.83
C TYR A 26 19.78 31.17 7.89
N LEU A 27 18.86 32.07 8.26
CA LEU A 27 18.54 33.19 7.38
C LEU A 27 19.76 34.10 7.17
N LYS A 28 20.51 34.38 8.24
CA LYS A 28 21.73 35.16 8.06
C LYS A 28 22.69 34.45 7.12
N SER A 29 22.75 33.12 7.18
CA SER A 29 23.71 32.39 6.37
C SER A 29 23.39 32.49 4.88
N LEU A 30 22.15 32.86 4.53
CA LEU A 30 21.74 32.99 3.14
C LEU A 30 22.12 34.34 2.54
N GLN A 31 22.54 35.29 3.37
CA GLN A 31 22.84 36.65 2.89
C GLN A 31 24.28 36.73 2.40
N ASP A 32 24.55 35.98 1.34
CA ASP A 32 25.91 35.72 0.89
C ASP A 32 26.14 36.14 -0.56
N GLY A 33 25.24 36.92 -1.15
CA GLY A 33 25.45 37.33 -2.53
C GLY A 33 25.52 36.20 -3.54
N ARG A 34 24.90 35.04 -3.25
CA ARG A 34 24.59 34.06 -4.28
C ARG A 34 24.02 34.76 -5.51
N GLU A 35 24.23 34.20 -6.71
CA GLU A 35 23.79 34.84 -7.95
C GLU A 35 22.51 34.16 -8.43
N ILE A 36 21.36 34.81 -8.22
CA ILE A 36 20.06 34.26 -8.58
C ILE A 36 19.33 35.29 -9.43
N TYR A 37 18.76 34.85 -10.53
CA TYR A 37 17.94 35.69 -11.38
C TYR A 37 16.48 35.25 -11.31
N ILE A 38 15.58 36.22 -11.40
CA ILE A 38 14.17 35.95 -11.62
C ILE A 38 13.58 37.20 -12.29
N TYR A 39 12.65 36.98 -13.22
CA TYR A 39 12.03 38.07 -14.01
C TYR A 39 13.07 39.01 -14.60
N GLY A 40 14.15 38.44 -15.11
CA GLY A 40 15.19 39.21 -15.78
C GLY A 40 16.09 40.02 -14.87
N GLU A 41 15.96 39.89 -13.55
CA GLU A 41 16.70 40.72 -12.61
C GLU A 41 17.48 39.87 -11.63
N ARG A 42 18.56 40.44 -11.12
CA ARG A 42 19.34 39.80 -10.08
C ARG A 42 18.64 39.97 -8.74
N VAL A 43 18.68 38.91 -7.92
CA VAL A 43 18.12 38.94 -6.58
C VAL A 43 19.19 39.45 -5.63
N LYS A 44 18.86 40.51 -4.88
CA LYS A 44 19.85 41.06 -3.95
C LYS A 44 20.06 40.16 -2.75
N ASP A 45 18.96 39.69 -2.15
CA ASP A 45 19.00 38.98 -0.87
C ASP A 45 17.76 38.09 -0.81
N VAL A 46 17.95 36.76 -0.85
CA VAL A 46 16.79 35.86 -0.91
C VAL A 46 15.93 35.97 0.34
N THR A 47 16.52 36.37 1.48
CA THR A 47 15.71 36.42 2.69
C THR A 47 14.78 37.63 2.73
N THR A 48 14.97 38.61 1.85
CA THR A 48 14.08 39.76 1.79
C THR A 48 13.40 39.92 0.44
N HIS A 49 13.78 39.14 -0.57
CA HIS A 49 13.24 39.32 -1.91
C HIS A 49 11.77 38.87 -1.95
N PRO A 50 10.92 39.58 -2.69
CA PRO A 50 9.49 39.23 -2.73
C PRO A 50 9.20 37.84 -3.26
N ALA A 51 10.13 37.23 -4.01
CA ALA A 51 9.89 35.89 -4.55
C ALA A 51 10.31 34.76 -3.60
N PHE A 52 11.11 35.05 -2.55
CA PHE A 52 11.72 33.99 -1.76
C PHE A 52 11.58 34.17 -0.25
N ARG A 53 11.20 35.35 0.23
CA ARG A 53 11.36 35.68 1.65
C ARG A 53 10.48 34.81 2.56
N ASN A 54 9.26 34.46 2.12
CA ASN A 54 8.42 33.64 2.99
C ASN A 54 8.81 32.17 2.93
N ALA A 55 9.17 31.68 1.74
CA ALA A 55 9.69 30.32 1.66
C ALA A 55 10.92 30.16 2.53
N ALA A 56 11.81 31.16 2.54
CA ALA A 56 12.97 31.12 3.43
C ALA A 56 12.55 31.11 4.90
N ALA A 57 11.59 31.96 5.27
CA ALA A 57 11.08 31.97 6.65
C ALA A 57 10.47 30.63 7.02
N SER A 58 9.78 29.99 6.07
CA SER A 58 9.18 28.68 6.29
C SER A 58 10.24 27.62 6.60
N VAL A 59 11.33 27.60 5.82
CA VAL A 59 12.42 26.66 6.11
C VAL A 59 13.05 26.99 7.46
N ALA A 60 13.24 28.28 7.74
CA ALA A 60 13.85 28.68 9.00
C ALA A 60 13.05 28.16 10.19
N GLN A 61 11.72 28.05 10.05
CA GLN A 61 10.93 27.48 11.14
C GLN A 61 11.30 26.04 11.43
N LEU A 62 11.70 25.27 10.42
CA LEU A 62 12.17 23.92 10.65
C LEU A 62 13.39 23.90 11.55
N TYR A 63 14.35 24.79 11.28
CA TYR A 63 15.53 24.87 12.14
C TYR A 63 15.17 25.29 13.56
N ASP A 64 14.24 26.25 13.71
CA ASP A 64 13.82 26.64 15.04
C ASP A 64 13.22 25.47 15.82
N ALA A 65 12.48 24.59 15.14
CA ALA A 65 11.84 23.49 15.86
C ALA A 65 12.87 22.57 16.53
N LEU A 66 14.07 22.45 15.97
CA LEU A 66 15.09 21.56 16.53
C LEU A 66 15.51 21.96 17.94
N HIS A 67 15.26 23.19 18.35
CA HIS A 67 15.77 23.68 19.62
C HIS A 67 14.68 23.88 20.64
N LYS A 68 13.43 23.57 20.29
CA LYS A 68 12.33 23.63 21.23
C LYS A 68 12.35 22.40 22.12
N PRO A 69 12.43 22.55 23.45
CA PRO A 69 12.50 21.36 24.32
C PRO A 69 11.37 20.37 24.11
N GLU A 70 10.15 20.85 23.87
CA GLU A 70 9.03 19.95 23.69
C GLU A 70 9.08 19.20 22.36
N MET A 71 9.94 19.62 21.42
CA MET A 71 10.08 18.97 20.13
C MET A 71 11.25 17.99 20.08
N GLN A 72 12.14 18.00 21.05
CA GLN A 72 13.43 17.35 20.82
C GLN A 72 13.35 15.83 20.92
N ASP A 73 12.39 15.31 21.69
CA ASP A 73 12.22 13.87 21.75
C ASP A 73 11.89 13.30 20.38
N SER A 74 11.02 13.99 19.63
CA SER A 74 10.65 13.48 18.31
C SER A 74 11.61 13.89 17.21
N LEU A 75 12.30 15.02 17.34
CA LEU A 75 13.10 15.53 16.24
C LEU A 75 14.57 15.18 16.30
N CYS A 76 15.16 15.00 17.49
CA CYS A 76 16.60 15.10 17.65
C CYS A 76 17.22 13.89 18.30
N TRP A 77 18.46 13.62 17.90
CA TRP A 77 19.37 12.65 18.52
C TRP A 77 20.68 13.37 18.82
N ASN A 78 21.47 12.81 19.73
CA ASN A 78 22.86 13.24 19.81
C ASN A 78 23.59 12.89 18.51
N THR A 79 24.60 13.69 18.17
CA THR A 79 25.44 13.33 17.03
C THR A 79 26.24 12.06 17.34
N ASP A 80 26.72 11.39 16.30
CA ASP A 80 27.61 10.24 16.48
C ASP A 80 29.08 10.61 16.27
N THR A 81 29.39 11.90 16.26
CA THR A 81 30.72 12.37 15.92
C THR A 81 31.61 12.60 17.13
N GLY A 82 31.07 12.48 18.34
CA GLY A 82 31.83 12.83 19.52
C GLY A 82 31.86 14.31 19.83
N SER A 83 31.10 15.12 19.11
CA SER A 83 31.10 16.57 19.33
C SER A 83 30.35 16.98 20.59
N GLY A 84 29.53 16.08 21.15
CA GLY A 84 28.65 16.45 22.24
C GLY A 84 27.41 17.20 21.83
N GLY A 85 27.13 17.32 20.54
CA GLY A 85 26.01 18.08 20.05
C GLY A 85 24.80 17.21 19.73
N TYR A 86 23.80 17.84 19.12
CA TYR A 86 22.61 17.13 18.68
C TYR A 86 22.26 17.56 17.26
N THR A 87 21.35 16.80 16.65
CA THR A 87 20.96 17.02 15.25
C THR A 87 19.59 16.40 15.03
N HIS A 88 18.98 16.75 13.90
CA HIS A 88 17.76 16.07 13.47
C HIS A 88 18.08 14.60 13.19
N LYS A 89 17.17 13.70 13.63
CA LYS A 89 17.46 12.26 13.65
C LYS A 89 17.84 11.73 12.28
N PHE A 90 17.27 12.27 11.20
CA PHE A 90 17.54 11.77 9.86
C PHE A 90 18.91 12.22 9.32
N PHE A 91 19.65 13.04 10.07
CA PHE A 91 20.99 13.46 9.66
C PHE A 91 22.09 12.55 10.21
N ARG A 92 21.72 11.51 10.96
CA ARG A 92 22.67 10.58 11.54
C ARG A 92 22.35 9.18 11.01
N VAL A 93 23.39 8.39 10.71
CA VAL A 93 23.19 7.06 10.12
C VAL A 93 22.34 6.19 11.03
N ALA A 94 21.34 5.52 10.46
CA ALA A 94 20.51 4.58 11.19
C ALA A 94 21.19 3.21 11.28
N LYS A 95 21.14 2.60 12.47
CA LYS A 95 21.83 1.33 12.71
C LYS A 95 20.88 0.22 13.18
N SER A 96 19.58 0.34 12.91
CA SER A 96 18.59 -0.66 13.27
C SER A 96 17.28 -0.26 12.60
N ALA A 97 16.33 -1.20 12.61
CA ALA A 97 14.99 -0.89 12.14
C ALA A 97 14.31 0.15 13.04
N ASP A 98 14.52 0.06 14.35
CA ASP A 98 13.91 1.07 15.21
C ASP A 98 14.49 2.46 14.95
N ASP A 99 15.80 2.53 14.66
CA ASP A 99 16.39 3.82 14.27
C ASP A 99 15.63 4.42 13.09
N LEU A 100 15.37 3.61 12.06
CA LEU A 100 14.65 4.10 10.89
C LEU A 100 13.24 4.57 11.27
N ARG A 101 12.56 3.82 12.16
CA ARG A 101 11.24 4.25 12.60
C ARG A 101 11.31 5.60 13.33
N GLN A 102 12.30 5.80 14.20
CA GLN A 102 12.44 7.11 14.84
C GLN A 102 12.71 8.21 13.80
N GLN A 103 13.52 7.90 12.78
CA GLN A 103 13.77 8.87 11.72
C GLN A 103 12.51 9.16 10.92
N ARG A 104 11.77 8.11 10.58
CA ARG A 104 10.47 8.27 9.93
C ARG A 104 9.61 9.27 10.70
N ASP A 105 9.53 9.11 12.02
CA ASP A 105 8.71 9.99 12.84
C ASP A 105 9.28 11.41 12.93
N ALA A 106 10.61 11.56 12.92
CA ALA A 106 11.22 12.90 12.94
C ALA A 106 11.02 13.62 11.60
N ILE A 107 11.09 12.89 10.49
CA ILE A 107 10.73 13.47 9.19
C ILE A 107 9.29 13.95 9.21
N ALA A 108 8.40 13.13 9.76
CA ALA A 108 6.98 13.49 9.76
C ALA A 108 6.74 14.77 10.52
N GLU A 109 7.39 14.92 11.69
CA GLU A 109 7.19 16.13 12.51
C GLU A 109 7.64 17.38 11.76
N TRP A 110 8.81 17.32 11.10
CA TRP A 110 9.23 18.43 10.27
C TRP A 110 8.27 18.68 9.11
N SER A 111 7.85 17.62 8.42
CA SER A 111 6.93 17.81 7.31
C SER A 111 5.63 18.49 7.75
N ARG A 112 5.14 18.21 8.97
CA ARG A 112 3.91 18.85 9.39
C ARG A 112 4.02 20.38 9.50
N LEU A 113 5.24 20.90 9.65
CA LEU A 113 5.42 22.36 9.74
C LEU A 113 5.14 23.07 8.43
N SER A 114 5.13 22.37 7.30
CA SER A 114 4.64 22.93 6.05
C SER A 114 3.39 22.22 5.56
N TYR A 115 2.73 21.44 6.44
CA TYR A 115 1.53 20.68 6.10
C TYR A 115 1.76 19.74 4.91
N GLY A 116 3.00 19.31 4.73
CA GLY A 116 3.35 18.42 3.63
C GLY A 116 3.64 19.09 2.30
N TRP A 117 3.67 20.43 2.23
CA TRP A 117 3.78 21.09 0.93
C TRP A 117 5.21 21.41 0.52
N MET A 118 6.17 21.45 1.43
CA MET A 118 7.56 21.65 1.02
C MET A 118 8.22 20.28 0.92
N GLY A 119 8.64 19.91 -0.28
CA GLY A 119 9.13 18.56 -0.51
C GLY A 119 10.63 18.46 -0.56
N ARG A 120 11.33 19.58 -0.63
CA ARG A 120 12.79 19.60 -0.72
C ARG A 120 13.42 20.28 0.47
N THR A 121 12.92 19.99 1.67
CA THR A 121 13.46 20.57 2.88
C THR A 121 14.82 19.91 3.20
N PRO A 122 15.55 20.40 4.22
CA PRO A 122 16.92 19.88 4.43
C PRO A 122 17.00 18.39 4.73
N ASP A 123 15.95 17.80 5.29
CA ASP A 123 15.99 16.37 5.60
C ASP A 123 16.05 15.49 4.35
N TYR A 124 15.63 16.03 3.19
CA TYR A 124 15.73 15.23 1.97
C TYR A 124 17.17 14.84 1.67
N LYS A 125 18.08 15.81 1.60
CA LYS A 125 19.48 15.47 1.35
C LYS A 125 20.23 15.06 2.60
N ALA A 126 19.61 15.10 3.79
CA ALA A 126 20.23 14.45 4.93
C ALA A 126 20.53 12.98 4.62
N ALA A 127 19.70 12.34 3.79
CA ALA A 127 19.96 10.96 3.39
C ALA A 127 21.23 10.85 2.55
N PHE A 128 21.56 11.90 1.79
CA PHE A 128 22.84 11.93 1.08
C PHE A 128 24.01 12.03 2.05
N GLY A 129 23.93 12.91 3.04
CA GLY A 129 24.95 12.93 4.10
C GLY A 129 25.13 11.56 4.73
N CYS A 130 24.01 10.91 5.10
CA CYS A 130 24.12 9.61 5.76
C CYS A 130 24.70 8.56 4.82
N ALA A 131 24.34 8.60 3.54
CA ALA A 131 24.92 7.67 2.58
C ALA A 131 26.43 7.80 2.52
N LEU A 132 26.93 9.05 2.53
CA LEU A 132 28.37 9.30 2.55
C LEU A 132 29.00 8.73 3.82
N GLY A 133 28.35 8.93 4.97
CA GLY A 133 28.91 8.48 6.21
C GLY A 133 28.86 6.98 6.40
N ALA A 134 27.86 6.32 5.80
CA ALA A 134 27.68 4.89 5.98
C ALA A 134 28.56 4.07 5.03
N ASN A 135 28.80 4.55 3.82
CA ASN A 135 29.58 3.81 2.82
C ASN A 135 30.68 4.69 2.22
N PRO A 136 31.52 5.31 3.06
CA PRO A 136 32.54 6.20 2.48
C PRO A 136 33.58 5.45 1.65
N GLY A 137 33.81 4.16 1.93
CA GLY A 137 34.76 3.39 1.13
C GLY A 137 34.37 3.27 -0.33
N PHE A 138 33.11 3.54 -0.68
CA PHE A 138 32.71 3.50 -2.07
C PHE A 138 33.54 4.47 -2.92
N TYR A 139 34.02 5.56 -2.34
CA TYR A 139 34.54 6.67 -3.11
C TYR A 139 36.04 6.59 -3.38
N GLY A 140 36.69 5.51 -2.96
CA GLY A 140 38.09 5.30 -3.30
C GLY A 140 38.96 6.40 -2.72
N GLN A 141 39.73 7.07 -3.58
CA GLN A 141 40.63 8.10 -3.10
C GLN A 141 39.90 9.27 -2.46
N PHE A 142 38.60 9.40 -2.72
CA PHE A 142 37.80 10.46 -2.11
C PHE A 142 37.02 9.99 -0.90
N GLU A 143 37.35 8.81 -0.36
CA GLU A 143 36.68 8.30 0.83
C GLU A 143 36.72 9.30 1.98
N GLN A 144 37.85 9.99 2.15
CA GLN A 144 37.95 10.94 3.25
C GLN A 144 37.05 12.16 3.05
N ASN A 145 36.83 12.59 1.81
CA ASN A 145 35.87 13.65 1.56
C ASN A 145 34.47 13.22 1.98
N ALA A 146 34.11 11.97 1.68
CA ALA A 146 32.80 11.45 2.08
C ALA A 146 32.63 11.50 3.60
N ARG A 147 33.62 10.98 4.34
CA ARG A 147 33.57 11.02 5.79
C ARG A 147 33.42 12.45 6.31
N ASN A 148 34.19 13.38 5.75
CA ASN A 148 34.19 14.75 6.26
C ASN A 148 32.87 15.44 5.97
N TRP A 149 32.27 15.17 4.81
CA TRP A 149 30.99 15.79 4.49
C TRP A 149 29.87 15.23 5.35
N TYR A 150 29.91 13.93 5.65
CA TYR A 150 28.94 13.37 6.61
C TYR A 150 28.99 14.12 7.93
N THR A 151 30.19 14.24 8.50
CA THR A 151 30.35 14.94 9.77
C THR A 151 29.80 16.35 9.70
N ARG A 152 30.12 17.08 8.63
CA ARG A 152 29.72 18.47 8.49
C ARG A 152 28.21 18.62 8.35
N ILE A 153 27.60 17.84 7.45
CA ILE A 153 26.15 17.91 7.28
C ILE A 153 25.44 17.55 8.58
N GLN A 154 25.89 16.50 9.25
CA GLN A 154 25.20 16.01 10.44
C GLN A 154 25.24 17.04 11.58
N GLU A 155 26.41 17.59 11.86
CA GLU A 155 26.53 18.48 13.02
C GLU A 155 25.86 19.83 12.76
N THR A 156 25.88 20.30 11.52
CA THR A 156 25.43 21.65 11.23
C THR A 156 23.99 21.71 10.75
N GLY A 157 23.47 20.62 10.20
CA GLY A 157 22.18 20.71 9.53
C GLY A 157 22.24 21.50 8.24
N LEU A 158 23.41 21.50 7.58
CA LEU A 158 23.56 22.18 6.30
C LEU A 158 22.47 21.75 5.33
N TYR A 159 21.94 22.73 4.58
CA TYR A 159 20.86 22.52 3.63
C TYR A 159 21.47 22.20 2.27
N PHE A 160 21.36 20.94 1.85
CA PHE A 160 21.75 20.50 0.52
C PHE A 160 20.52 20.33 -0.37
N ASN A 161 20.73 20.50 -1.66
CA ASN A 161 19.82 20.00 -2.69
C ASN A 161 20.69 19.19 -3.66
N HIS A 162 20.04 18.44 -4.55
CA HIS A 162 20.79 17.85 -5.64
C HIS A 162 20.29 18.43 -6.95
N ALA A 163 21.21 18.66 -7.86
CA ALA A 163 20.90 19.08 -9.21
C ALA A 163 21.48 18.01 -10.13
N ILE A 164 20.62 17.20 -10.73
CA ILE A 164 21.08 16.00 -11.42
C ILE A 164 20.48 15.82 -12.81
N VAL A 165 19.33 16.44 -13.12
CA VAL A 165 18.68 16.26 -14.43
C VAL A 165 19.41 17.09 -15.48
N ASN A 166 19.78 16.46 -16.59
CA ASN A 166 20.55 17.14 -17.63
C ASN A 166 19.67 18.05 -18.49
N PRO A 167 20.24 19.14 -19.02
CA PRO A 167 19.49 20.04 -19.90
C PRO A 167 19.20 19.37 -21.23
N PRO A 168 18.21 19.85 -21.98
CA PRO A 168 17.93 19.27 -23.30
C PRO A 168 19.07 19.53 -24.27
N ILE A 169 19.13 18.65 -25.29
CA ILE A 169 20.14 18.70 -26.35
C ILE A 169 19.42 18.87 -27.69
N ASP A 170 19.87 19.84 -28.48
CA ASP A 170 19.44 19.96 -29.87
C ASP A 170 20.16 18.92 -30.71
N ARG A 171 19.43 17.90 -31.18
CA ARG A 171 20.02 16.81 -31.97
C ARG A 171 20.43 17.22 -33.37
N HIS A 172 19.94 18.35 -33.89
CA HIS A 172 20.37 18.76 -35.22
C HIS A 172 21.70 19.52 -35.20
N LEU A 173 22.16 19.94 -34.03
CA LEU A 173 23.43 20.63 -33.94
C LEU A 173 24.59 19.65 -34.19
N PRO A 174 25.76 20.16 -34.56
CA PRO A 174 26.93 19.29 -34.67
C PRO A 174 27.23 18.61 -33.34
N THR A 175 27.89 17.45 -33.40
CA THR A 175 28.35 16.82 -32.17
C THR A 175 29.30 17.74 -31.41
N ASP A 176 30.13 18.49 -32.11
CA ASP A 176 30.72 19.68 -31.51
C ASP A 176 29.58 20.66 -31.26
N LYS A 177 29.61 21.30 -30.08
CA LYS A 177 28.69 22.35 -29.66
C LYS A 177 27.70 21.84 -28.62
N VAL A 178 27.20 20.61 -28.76
CA VAL A 178 26.25 20.10 -27.78
C VAL A 178 26.91 19.41 -26.60
N LYS A 179 28.19 19.09 -26.68
CA LYS A 179 28.90 18.55 -25.52
C LYS A 179 29.22 19.63 -24.48
N ASP A 180 29.05 20.91 -24.83
CA ASP A 180 29.18 21.99 -23.86
C ASP A 180 27.95 22.14 -22.97
N VAL A 181 26.88 21.39 -23.24
CA VAL A 181 25.65 21.57 -22.48
C VAL A 181 25.74 20.87 -21.12
N TYR A 182 26.35 19.70 -21.08
CA TYR A 182 26.40 18.93 -19.83
C TYR A 182 27.51 19.44 -18.92
N ILE A 183 27.33 19.19 -17.61
CA ILE A 183 28.40 19.43 -16.64
C ILE A 183 29.63 18.64 -17.03
N LYS A 184 30.78 19.31 -17.11
CA LYS A 184 31.99 18.66 -17.59
C LYS A 184 33.21 19.27 -16.93
N LEU A 185 34.22 18.44 -16.74
CA LEU A 185 35.53 18.92 -16.33
C LEU A 185 36.15 19.78 -17.44
N GLU A 186 36.47 21.02 -17.12
CA GLU A 186 37.18 21.91 -18.03
C GLU A 186 38.68 21.98 -17.74
N LYS A 187 39.07 22.05 -16.47
CA LYS A 187 40.46 22.25 -16.09
C LYS A 187 40.73 21.53 -14.78
N GLU A 188 41.83 20.78 -14.74
CA GLU A 188 42.31 20.15 -13.53
C GLU A 188 43.47 20.97 -12.99
N THR A 189 43.35 21.44 -11.75
CA THR A 189 44.37 22.27 -11.12
C THR A 189 44.72 21.70 -9.75
N ASP A 190 45.77 22.27 -9.15
CA ASP A 190 46.13 21.86 -7.79
C ASP A 190 45.09 22.27 -6.77
N ALA A 191 44.37 23.36 -7.02
CA ALA A 191 43.37 23.83 -6.08
C ALA A 191 42.01 23.17 -6.28
N GLY A 192 41.88 22.27 -7.25
CA GLY A 192 40.60 21.64 -7.53
C GLY A 192 40.31 21.63 -9.02
N ILE A 193 39.04 21.42 -9.37
CA ILE A 193 38.65 21.29 -10.76
C ILE A 193 37.75 22.46 -11.13
N ILE A 194 37.87 22.92 -12.36
CA ILE A 194 36.99 23.95 -12.89
C ILE A 194 35.99 23.26 -13.81
N VAL A 195 34.72 23.56 -13.61
CA VAL A 195 33.64 22.84 -14.28
C VAL A 195 32.65 23.86 -14.83
N SER A 196 32.01 23.50 -15.93
CA SER A 196 30.93 24.28 -16.52
C SER A 196 29.87 23.33 -17.06
N GLY A 197 28.65 23.85 -17.17
CA GLY A 197 27.50 23.11 -17.65
C GLY A 197 26.27 23.54 -16.88
N ALA A 198 25.21 22.75 -16.98
CA ALA A 198 23.96 23.08 -16.31
C ALA A 198 23.21 21.82 -15.91
N LYS A 199 22.34 21.99 -14.93
CA LYS A 199 21.38 21.00 -14.47
C LYS A 199 20.05 21.69 -14.37
N VAL A 200 18.97 20.99 -14.72
CA VAL A 200 17.64 21.57 -14.58
C VAL A 200 16.94 20.91 -13.39
N VAL A 201 15.86 21.57 -12.95
CA VAL A 201 15.05 21.16 -11.80
C VAL A 201 15.87 21.18 -10.52
N ALA A 202 16.44 22.35 -10.21
CA ALA A 202 17.14 22.58 -8.95
C ALA A 202 16.16 23.17 -7.94
N THR A 203 15.27 22.30 -7.44
CA THR A 203 14.12 22.72 -6.65
C THR A 203 14.55 23.29 -5.31
N ASN A 204 14.19 24.55 -5.05
CA ASN A 204 14.50 25.30 -3.84
C ASN A 204 16.00 25.55 -3.65
N SER A 205 16.82 25.37 -4.69
CA SER A 205 18.25 25.62 -4.53
C SER A 205 18.53 27.05 -4.11
N ALA A 206 17.64 28.01 -4.43
CA ALA A 206 17.85 29.40 -4.02
C ALA A 206 18.00 29.53 -2.51
N LEU A 207 17.50 28.57 -1.74
CA LEU A 207 17.52 28.64 -0.29
C LEU A 207 18.50 27.66 0.35
N THR A 208 19.35 27.00 -0.44
CA THR A 208 20.25 25.99 0.09
C THR A 208 21.64 26.57 0.33
N HIS A 209 22.46 25.81 1.07
CA HIS A 209 23.89 26.12 1.19
C HIS A 209 24.74 25.49 0.12
N TYR A 210 24.46 24.23 -0.24
CA TYR A 210 25.26 23.47 -1.19
C TYR A 210 24.34 22.65 -2.09
N ASN A 211 24.81 22.36 -3.29
CA ASN A 211 24.15 21.40 -4.15
C ASN A 211 25.12 20.27 -4.48
N MET A 212 24.63 19.04 -4.45
CA MET A 212 25.36 17.95 -5.06
C MET A 212 25.05 17.94 -6.55
N ILE A 213 26.09 17.86 -7.36
CA ILE A 213 25.97 17.78 -8.82
C ILE A 213 26.48 16.40 -9.22
N GLY A 214 25.65 15.62 -9.89
CA GLY A 214 26.04 14.28 -10.28
C GLY A 214 25.57 13.85 -11.65
N ASP A 224 33.57 9.46 -22.72
CA ASP A 224 34.39 10.63 -22.38
C ASP A 224 34.34 10.91 -20.88
N PRO A 225 35.41 10.55 -20.16
CA PRO A 225 35.37 10.60 -18.69
C PRO A 225 35.23 12.00 -18.11
N ASP A 226 35.44 13.06 -18.88
CA ASP A 226 35.31 14.41 -18.35
C ASP A 226 33.88 14.72 -17.90
N PHE A 227 32.90 13.92 -18.34
CA PHE A 227 31.51 14.07 -17.93
C PHE A 227 31.14 13.24 -16.71
N ALA A 228 32.01 12.32 -16.28
CA ALA A 228 31.67 11.36 -15.23
C ALA A 228 32.16 11.91 -13.88
N LEU A 229 31.38 12.84 -13.32
CA LEU A 229 31.74 13.52 -12.08
C LEU A 229 30.60 13.50 -11.09
N MET A 230 30.97 13.55 -9.80
CA MET A 230 30.05 13.92 -8.74
C MET A 230 30.80 14.80 -7.74
N PHE A 231 30.21 15.93 -7.40
CA PHE A 231 30.89 16.86 -6.51
C PHE A 231 29.86 17.73 -5.82
N VAL A 232 30.32 18.52 -4.88
CA VAL A 232 29.50 19.43 -4.08
C VAL A 232 29.87 20.86 -4.46
N ALA A 233 28.86 21.70 -4.65
CA ALA A 233 29.11 23.10 -4.98
C ALA A 233 28.35 24.02 -4.03
N PRO A 234 29.02 25.00 -3.43
CA PRO A 234 28.30 25.97 -2.62
C PRO A 234 27.46 26.89 -3.50
N MET A 235 26.36 27.37 -2.92
CA MET A 235 25.50 28.30 -3.65
C MET A 235 26.14 29.68 -3.82
N ASP A 236 27.10 30.08 -3.01
CA ASP A 236 27.69 31.39 -3.20
C ASP A 236 29.04 31.33 -3.92
N ALA A 237 29.35 30.21 -4.55
CA ALA A 237 30.57 30.12 -5.34
C ALA A 237 30.46 30.97 -6.60
N ASP A 238 31.54 31.66 -6.93
CA ASP A 238 31.58 32.50 -8.12
C ASP A 238 31.45 31.64 -9.37
N GLY A 239 30.46 31.97 -10.20
CA GLY A 239 30.13 31.20 -11.38
C GLY A 239 28.94 30.28 -11.22
N VAL A 240 28.50 30.00 -9.99
CA VAL A 240 27.25 29.28 -9.77
C VAL A 240 26.10 30.28 -9.86
N LYS A 241 25.11 29.98 -10.71
CA LYS A 241 23.98 30.88 -10.92
C LYS A 241 22.69 30.08 -11.00
N LEU A 242 21.61 30.67 -10.53
CA LEU A 242 20.28 30.09 -10.71
C LEU A 242 19.44 30.99 -11.60
N ILE A 243 18.74 30.38 -12.54
CA ILE A 243 17.72 31.06 -13.33
C ILE A 243 16.39 30.50 -12.88
N SER A 244 15.58 31.34 -12.23
CA SER A 244 14.38 30.89 -11.56
C SER A 244 13.21 30.74 -12.52
N ARG A 245 12.27 29.87 -12.16
CA ARG A 245 10.96 29.87 -12.78
C ARG A 245 10.09 30.95 -12.13
N ALA A 246 8.88 31.14 -12.66
CA ALA A 246 7.95 32.09 -12.09
C ALA A 246 7.76 31.83 -10.60
N SER A 247 7.56 32.88 -9.83
CA SER A 247 7.44 32.76 -8.38
C SER A 247 5.96 32.85 -8.01
N TYR A 248 5.38 31.72 -7.58
CA TYR A 248 4.01 31.78 -7.10
C TYR A 248 3.93 32.58 -5.80
N GLU A 249 4.98 32.58 -5.00
CA GLU A 249 5.02 33.43 -3.80
C GLU A 249 4.90 34.91 -4.18
N MET A 250 5.74 35.37 -5.11
CA MET A 250 5.69 36.78 -5.47
C MET A 250 4.35 37.17 -6.08
N VAL A 251 3.84 36.33 -6.99
CA VAL A 251 2.57 36.67 -7.61
C VAL A 251 1.46 36.73 -6.57
N ALA A 252 1.46 35.79 -5.62
CA ALA A 252 0.47 35.81 -4.57
C ALA A 252 0.62 37.03 -3.67
N GLY A 253 1.86 37.46 -3.44
CA GLY A 253 2.07 38.67 -2.65
C GLY A 253 1.65 39.93 -3.40
N ALA A 254 1.93 39.99 -4.69
CA ALA A 254 1.67 41.19 -5.48
C ALA A 254 0.20 41.36 -5.87
N THR A 255 -0.51 40.27 -6.13
CA THR A 255 -1.87 40.35 -6.66
C THR A 255 -2.85 39.55 -5.82
N GLY A 256 -2.44 39.07 -4.66
CA GLY A 256 -3.32 38.30 -3.81
C GLY A 256 -3.09 38.66 -2.36
N SER A 257 -3.27 37.68 -1.48
CA SER A 257 -3.11 37.88 -0.05
C SER A 257 -2.94 36.50 0.57
N PRO A 258 -2.51 36.43 1.84
CA PRO A 258 -2.46 35.12 2.50
C PRO A 258 -3.82 34.43 2.51
N TYR A 259 -4.89 35.19 2.78
CA TYR A 259 -6.25 34.62 2.76
C TYR A 259 -6.57 34.01 1.41
N ASP A 260 -6.15 34.66 0.32
CA ASP A 260 -6.49 34.20 -1.02
C ASP A 260 -5.57 33.08 -1.52
N TYR A 261 -4.31 33.09 -1.12
CA TYR A 261 -3.33 32.08 -1.53
C TYR A 261 -2.53 31.63 -0.33
N PRO A 262 -3.15 30.88 0.58
CA PRO A 262 -2.49 30.56 1.87
C PRO A 262 -1.32 29.60 1.75
N LEU A 263 -1.21 28.83 0.67
CA LEU A 263 -0.04 27.95 0.49
C LEU A 263 1.01 28.57 -0.43
N SER A 264 0.57 29.11 -1.58
CA SER A 264 1.47 29.81 -2.50
C SER A 264 2.30 30.86 -1.77
N SER A 265 1.69 31.56 -0.82
CA SER A 265 2.35 32.71 -0.18
C SER A 265 3.47 32.31 0.78
N ARG A 266 3.59 31.03 1.15
CA ARG A 266 4.65 30.67 2.10
C ARG A 266 5.41 29.38 1.80
N PHE A 267 4.96 28.52 0.89
CA PHE A 267 5.60 27.21 0.70
C PHE A 267 6.14 26.99 -0.70
N ASP A 268 6.27 28.04 -1.50
CA ASP A 268 6.72 27.88 -2.88
C ASP A 268 8.20 27.53 -2.93
N GLU A 269 8.53 26.42 -3.58
CA GLU A 269 9.90 25.93 -3.76
C GLU A 269 10.27 26.10 -5.23
N ASN A 270 11.03 27.14 -5.53
CA ASN A 270 11.24 27.52 -6.93
C ASN A 270 12.11 26.49 -7.66
N ASP A 271 11.62 25.96 -8.77
CA ASP A 271 12.31 24.93 -9.58
C ASP A 271 13.24 25.60 -10.59
N ALA A 272 14.48 25.80 -10.22
CA ALA A 272 15.40 26.59 -11.02
C ALA A 272 16.23 25.75 -12.00
N ILE A 273 16.82 26.44 -12.96
CA ILE A 273 17.96 25.93 -13.71
C ILE A 273 19.23 26.37 -12.99
N LEU A 274 20.13 25.42 -12.72
CA LEU A 274 21.40 25.73 -12.08
C LEU A 274 22.47 25.77 -13.16
N VAL A 275 23.17 26.88 -13.27
CA VAL A 275 24.22 27.08 -14.26
C VAL A 275 25.55 27.14 -13.54
N MET A 276 26.55 26.44 -14.08
CA MET A 276 27.92 26.59 -13.62
C MET A 276 28.76 27.12 -14.76
N ASP A 277 29.39 28.26 -14.52
CA ASP A 277 30.22 28.97 -15.50
C ASP A 277 31.62 29.12 -14.88
N ASN A 278 32.54 28.24 -15.27
CA ASN A 278 33.94 28.31 -14.81
C ASN A 278 34.04 28.29 -13.29
N VAL A 279 33.38 27.32 -12.67
CA VAL A 279 33.33 27.23 -11.22
C VAL A 279 34.48 26.37 -10.74
N LEU A 280 35.24 26.88 -9.77
CA LEU A 280 36.31 26.10 -9.17
C LEU A 280 35.74 25.28 -8.02
N ILE A 281 35.85 23.96 -8.14
CA ILE A 281 35.41 23.02 -7.13
C ILE A 281 36.68 22.51 -6.41
N PRO A 282 36.89 22.87 -5.15
CA PRO A 282 38.10 22.37 -4.47
C PRO A 282 38.07 20.86 -4.36
N TRP A 283 39.26 20.26 -4.27
CA TRP A 283 39.35 18.81 -4.25
C TRP A 283 38.57 18.19 -3.10
N GLU A 284 38.47 18.89 -1.96
CA GLU A 284 37.72 18.38 -0.81
C GLU A 284 36.22 18.25 -1.09
N ASN A 285 35.74 18.82 -2.19
CA ASN A 285 34.35 18.76 -2.59
C ASN A 285 34.09 17.76 -3.70
N VAL A 286 35.12 17.02 -4.12
CA VAL A 286 34.98 16.04 -5.20
C VAL A 286 34.72 14.67 -4.58
N LEU A 287 33.74 13.95 -5.14
CA LEU A 287 33.41 12.62 -4.63
C LEU A 287 33.63 11.52 -5.65
N ILE A 288 33.35 11.78 -6.93
CA ILE A 288 33.62 10.87 -8.03
C ILE A 288 34.27 11.68 -9.15
N TYR A 289 35.38 11.20 -9.71
CA TYR A 289 36.18 12.01 -10.62
C TYR A 289 36.60 11.21 -11.85
N ARG A 290 36.06 11.59 -13.02
CA ARG A 290 36.40 10.97 -14.31
C ARG A 290 36.28 9.44 -14.24
N ASP A 291 35.12 8.98 -13.75
CA ASP A 291 34.98 7.61 -13.26
C ASP A 291 33.61 7.06 -13.68
N PHE A 292 33.51 6.53 -14.89
CA PHE A 292 32.22 6.05 -15.37
C PHE A 292 31.72 4.89 -14.53
N ASP A 293 32.64 4.05 -14.06
CA ASP A 293 32.24 2.86 -13.30
C ASP A 293 31.56 3.23 -11.99
N ARG A 294 32.16 4.17 -11.25
CA ARG A 294 31.53 4.59 -9.99
C ARG A 294 30.26 5.38 -10.25
N CYS A 295 30.24 6.24 -11.28
CA CYS A 295 29.02 6.95 -11.63
C CYS A 295 27.89 5.95 -11.93
N ARG A 296 28.20 4.89 -12.66
CA ARG A 296 27.20 3.89 -13.01
C ARG A 296 26.71 3.15 -11.78
N ARG A 297 27.62 2.81 -10.87
CA ARG A 297 27.27 1.98 -9.71
C ARG A 297 26.69 2.78 -8.55
N TRP A 298 26.77 4.11 -8.59
CA TRP A 298 26.44 4.91 -7.41
C TRP A 298 24.96 4.79 -7.04
N THR A 299 24.06 4.76 -8.03
CA THR A 299 22.64 4.70 -7.72
C THR A 299 22.28 3.43 -6.96
N MET A 300 22.85 2.30 -7.35
CA MET A 300 22.62 1.04 -6.65
C MET A 300 23.41 0.95 -5.35
N GLU A 301 24.69 1.32 -5.39
CA GLU A 301 25.61 1.00 -4.31
C GLU A 301 25.88 2.15 -3.35
N GLY A 302 25.62 3.38 -3.74
CA GLY A 302 25.98 4.52 -2.90
C GLY A 302 25.08 4.67 -1.69
N GLY A 303 23.84 4.22 -1.79
CA GLY A 303 22.91 4.25 -0.68
C GLY A 303 21.88 5.36 -0.74
N PHE A 304 22.20 6.49 -1.37
CA PHE A 304 21.26 7.62 -1.38
C PHE A 304 19.91 7.21 -1.95
N ALA A 305 19.91 6.55 -3.11
CA ALA A 305 18.66 6.14 -3.73
C ALA A 305 17.92 5.11 -2.91
N ARG A 306 18.63 4.35 -2.07
CA ARG A 306 18.02 3.39 -1.16
C ARG A 306 17.56 4.03 0.15
N MET A 307 17.75 5.34 0.34
CA MET A 307 17.38 5.95 1.61
C MET A 307 16.45 7.14 1.49
N TYR A 308 16.62 8.01 0.49
CA TYR A 308 15.76 9.20 0.45
C TYR A 308 14.28 8.90 0.26
N PRO A 309 13.84 7.81 -0.40
CA PRO A 309 12.39 7.60 -0.54
C PRO A 309 11.66 7.40 0.79
N LEU A 310 12.37 7.08 1.88
CA LEU A 310 11.71 7.10 3.18
C LEU A 310 11.22 8.51 3.50
N GLN A 311 12.08 9.51 3.28
CA GLN A 311 11.67 10.89 3.50
C GLN A 311 10.55 11.29 2.55
N ALA A 312 10.68 10.92 1.27
CA ALA A 312 9.71 11.39 0.30
C ALA A 312 8.33 10.76 0.53
N CYS A 313 8.30 9.47 0.92
CA CYS A 313 7.03 8.79 1.20
C CYS A 313 6.34 9.39 2.42
N VAL A 314 7.10 9.68 3.48
CA VAL A 314 6.52 10.27 4.67
C VAL A 314 6.01 11.68 4.38
N ARG A 315 6.82 12.47 3.67
CA ARG A 315 6.39 13.82 3.31
C ARG A 315 5.08 13.76 2.53
N LEU A 316 4.99 12.85 1.56
CA LEU A 316 3.74 12.71 0.82
C LEU A 316 2.60 12.29 1.76
N ALA A 317 2.86 11.35 2.66
CA ALA A 317 1.81 10.90 3.57
C ALA A 317 1.29 12.05 4.43
N VAL A 318 2.18 12.95 4.88
CA VAL A 318 1.75 14.11 5.66
C VAL A 318 0.90 15.04 4.81
N LYS A 319 1.29 15.24 3.55
CA LYS A 319 0.45 16.04 2.66
C LYS A 319 -0.93 15.40 2.48
N LEU A 320 -0.97 14.08 2.37
CA LEU A 320 -2.27 13.43 2.20
C LEU A 320 -3.10 13.49 3.49
N ASP A 321 -2.45 13.47 4.66
CA ASP A 321 -3.16 13.80 5.89
C ASP A 321 -3.88 15.12 5.73
N PHE A 322 -3.14 16.14 5.28
CA PHE A 322 -3.69 17.48 5.13
C PHE A 322 -4.82 17.50 4.10
N ILE A 323 -4.58 16.91 2.92
CA ILE A 323 -5.58 16.96 1.86
C ILE A 323 -6.84 16.19 2.26
N THR A 324 -6.67 15.05 2.96
CA THR A 324 -7.82 14.27 3.40
C THR A 324 -8.76 15.11 4.28
N ALA A 325 -8.20 15.75 5.30
CA ALA A 325 -9.04 16.53 6.20
C ALA A 325 -9.53 17.82 5.54
N LEU A 326 -8.73 18.39 4.64
CA LEU A 326 -9.17 19.58 3.92
C LEU A 326 -10.37 19.25 3.03
N LEU A 327 -10.34 18.07 2.40
CA LEU A 327 -11.51 17.60 1.67
C LEU A 327 -12.71 17.44 2.59
N LYS A 328 -12.52 16.76 3.71
CA LYS A 328 -13.64 16.61 4.65
C LYS A 328 -14.21 17.98 5.02
N LYS A 329 -13.33 18.94 5.35
CA LYS A 329 -13.81 20.26 5.77
C LYS A 329 -14.52 20.97 4.63
N SER A 330 -14.03 20.77 3.39
CA SER A 330 -14.69 21.37 2.24
C SER A 330 -16.09 20.79 2.04
N LEU A 331 -16.24 19.48 2.27
CA LEU A 331 -17.54 18.83 2.12
C LEU A 331 -18.48 19.19 3.27
N GLU A 332 -17.92 19.48 4.44
CA GLU A 332 -18.71 20.07 5.53
C GLU A 332 -19.22 21.45 5.13
N CYS A 333 -18.37 22.25 4.47
CA CYS A 333 -18.76 23.62 4.07
C CYS A 333 -19.87 23.61 3.04
N THR A 334 -19.78 22.71 2.07
CA THR A 334 -20.78 22.66 1.01
C THR A 334 -22.02 21.86 1.39
N GLY A 335 -21.95 21.07 2.46
CA GLY A 335 -23.09 20.33 2.91
C GLY A 335 -23.28 18.98 2.26
N THR A 336 -22.37 18.56 1.38
CA THR A 336 -22.57 17.32 0.66
C THR A 336 -22.00 16.12 1.40
N LEU A 337 -21.33 16.33 2.54
CA LEU A 337 -20.78 15.21 3.28
C LEU A 337 -21.87 14.27 3.79
N GLU A 338 -23.13 14.71 3.83
CA GLU A 338 -24.23 13.84 4.25
C GLU A 338 -24.41 12.65 3.31
N PHE A 339 -24.04 12.81 2.04
CA PHE A 339 -24.40 11.83 1.02
C PHE A 339 -23.47 10.62 1.02
N ARG A 340 -24.08 9.45 0.82
CA ARG A 340 -23.34 8.17 0.84
C ARG A 340 -22.21 8.15 -0.17
N GLY A 341 -22.47 8.58 -1.40
CA GLY A 341 -21.44 8.53 -2.43
C GLY A 341 -20.29 9.48 -2.14
N VAL A 342 -20.56 10.60 -1.48
CA VAL A 342 -19.53 11.54 -1.08
C VAL A 342 -18.69 10.95 0.04
N GLN A 343 -19.34 10.36 1.05
CA GLN A 343 -18.60 9.70 2.12
C GLN A 343 -17.74 8.56 1.57
N ALA A 344 -18.24 7.82 0.57
CA ALA A 344 -17.41 6.76 -0.02
C ALA A 344 -16.18 7.34 -0.74
N ASP A 345 -16.36 8.43 -1.49
CA ASP A 345 -15.22 9.07 -2.13
C ASP A 345 -14.19 9.53 -1.10
N LEU A 346 -14.64 10.14 -0.01
CA LEU A 346 -13.73 10.53 1.05
C LEU A 346 -13.02 9.32 1.64
N GLY A 347 -13.76 8.23 1.84
CA GLY A 347 -13.13 7.02 2.36
C GLY A 347 -12.04 6.45 1.47
N GLU A 348 -12.19 6.61 0.15
CA GLU A 348 -11.10 6.19 -0.73
C GLU A 348 -9.88 7.08 -0.59
N VAL A 349 -10.08 8.39 -0.43
CA VAL A 349 -8.94 9.26 -0.17
C VAL A 349 -8.23 8.84 1.11
N VAL A 350 -9.00 8.50 2.15
CA VAL A 350 -8.42 7.99 3.39
C VAL A 350 -7.57 6.74 3.11
N ALA A 351 -8.11 5.82 2.30
CA ALA A 351 -7.35 4.59 1.98
C ALA A 351 -6.02 4.92 1.30
N TRP A 352 -6.01 5.86 0.36
CA TRP A 352 -4.74 6.23 -0.27
C TRP A 352 -3.81 6.85 0.74
N ARG A 353 -4.33 7.75 1.58
CA ARG A 353 -3.53 8.30 2.66
C ARG A 353 -2.94 7.20 3.55
N ASN A 354 -3.78 6.23 3.95
CA ASN A 354 -3.30 5.12 4.78
C ASN A 354 -2.19 4.34 4.11
N THR A 355 -2.29 4.17 2.78
CA THR A 355 -1.33 3.37 2.01
C THR A 355 0.09 3.86 2.19
N PHE A 356 0.29 5.18 2.10
CA PHE A 356 1.66 5.67 2.15
C PHE A 356 2.23 5.62 3.55
N TRP A 357 1.40 5.80 4.58
CA TRP A 357 1.87 5.51 5.93
C TRP A 357 2.23 4.03 6.10
N ALA A 358 1.42 3.14 5.52
CA ALA A 358 1.72 1.71 5.65
C ALA A 358 3.00 1.34 4.90
N LEU A 359 3.22 1.94 3.74
CA LEU A 359 4.48 1.70 3.03
C LEU A 359 5.66 2.13 3.89
N SER A 360 5.55 3.27 4.56
CA SER A 360 6.66 3.71 5.39
C SER A 360 6.85 2.81 6.61
N ASP A 361 5.77 2.24 7.15
CA ASP A 361 5.90 1.21 8.19
C ASP A 361 6.76 0.05 7.70
N SER A 362 6.43 -0.46 6.50
CA SER A 362 7.15 -1.59 5.93
C SER A 362 8.60 -1.24 5.62
N MET A 363 8.85 -0.02 5.14
CA MET A 363 10.22 0.44 4.95
C MET A 363 11.06 0.23 6.21
N CYS A 364 10.50 0.57 7.36
CA CYS A 364 11.26 0.48 8.61
C CYS A 364 11.27 -0.95 9.15
N SER A 365 10.11 -1.62 9.17
CA SER A 365 10.05 -2.92 9.83
C SER A 365 10.86 -3.99 9.09
N GLU A 366 10.94 -3.90 7.77
CA GLU A 366 11.68 -4.87 6.98
C GLU A 366 13.07 -4.39 6.60
N ALA A 367 13.58 -3.37 7.31
CA ALA A 367 14.90 -2.83 7.02
C ALA A 367 15.97 -3.92 7.14
N THR A 368 17.05 -3.76 6.38
CA THR A 368 18.11 -4.76 6.27
C THR A 368 19.47 -4.18 6.65
N PRO A 369 20.35 -4.99 7.27
CA PRO A 369 21.73 -4.53 7.46
C PRO A 369 22.42 -4.28 6.13
N TRP A 370 23.21 -3.21 6.09
CA TRP A 370 23.81 -2.79 4.83
C TRP A 370 25.32 -2.91 4.92
N VAL A 371 26.01 -1.85 5.35
CA VAL A 371 27.46 -1.90 5.51
C VAL A 371 27.82 -1.07 6.73
N ASN A 372 28.89 -1.47 7.43
CA ASN A 372 29.42 -0.69 8.55
C ASN A 372 28.38 -0.46 9.65
N GLY A 373 27.48 -1.43 9.85
CA GLY A 373 26.43 -1.32 10.85
C GLY A 373 25.20 -0.55 10.41
N ALA A 374 25.24 0.13 9.27
CA ALA A 374 24.10 0.91 8.80
C ALA A 374 22.98 -0.03 8.36
N TYR A 375 21.74 0.46 8.46
CA TYR A 375 20.55 -0.24 7.99
C TYR A 375 19.92 0.51 6.82
N LEU A 376 19.36 -0.25 5.86
CA LEU A 376 18.63 0.39 4.78
C LEU A 376 17.16 0.02 4.85
N PRO A 377 16.24 0.95 4.55
CA PRO A 377 14.81 0.60 4.53
C PRO A 377 14.50 -0.46 3.47
N ASP A 378 13.36 -1.13 3.64
CA ASP A 378 12.93 -2.15 2.69
C ASP A 378 12.90 -1.59 1.26
N HIS A 379 13.58 -2.29 0.35
CA HIS A 379 13.75 -1.77 -0.99
C HIS A 379 12.46 -1.90 -1.82
N ALA A 380 11.76 -3.02 -1.70
CA ALA A 380 10.51 -3.17 -2.44
C ALA A 380 9.50 -2.08 -2.07
N ALA A 381 9.42 -1.73 -0.78
CA ALA A 381 8.50 -0.66 -0.37
C ALA A 381 8.84 0.67 -1.03
N LEU A 382 10.13 0.99 -1.15
CA LEU A 382 10.53 2.23 -1.82
C LEU A 382 10.05 2.26 -3.27
N GLN A 383 10.28 1.17 -4.01
CA GLN A 383 9.87 1.11 -5.40
C GLN A 383 8.35 1.20 -5.53
N THR A 384 7.64 0.59 -4.58
CA THR A 384 6.18 0.58 -4.62
C THR A 384 5.61 1.97 -4.38
N TYR A 385 6.16 2.69 -3.38
CA TYR A 385 5.76 4.07 -3.17
C TYR A 385 5.91 4.88 -4.46
N ARG A 386 7.02 4.69 -5.18
CA ARG A 386 7.25 5.50 -6.38
C ARG A 386 6.22 5.20 -7.46
N VAL A 387 5.84 3.94 -7.62
CA VAL A 387 4.83 3.60 -8.64
C VAL A 387 3.45 4.07 -8.22
N LEU A 388 3.10 3.89 -6.94
CA LEU A 388 1.73 4.20 -6.50
C LEU A 388 1.46 5.69 -6.38
N ALA A 389 2.45 6.48 -5.95
CA ALA A 389 2.19 7.89 -5.65
C ALA A 389 1.56 8.65 -6.81
N PRO A 390 2.03 8.54 -8.07
CA PRO A 390 1.37 9.30 -9.15
C PRO A 390 -0.07 8.91 -9.36
N MET A 391 -0.38 7.62 -9.27
CA MET A 391 -1.77 7.18 -9.44
C MET A 391 -2.65 7.67 -8.31
N ALA A 392 -2.15 7.58 -7.08
CA ALA A 392 -2.92 8.04 -5.93
C ALA A 392 -3.19 9.54 -6.01
N TYR A 393 -2.17 10.33 -6.34
CA TYR A 393 -2.36 11.78 -6.35
C TYR A 393 -3.35 12.18 -7.44
N ALA A 394 -3.21 11.57 -8.63
CA ALA A 394 -4.16 11.85 -9.71
C ALA A 394 -5.58 11.46 -9.31
N LYS A 395 -5.74 10.30 -8.69
CA LYS A 395 -7.07 9.86 -8.29
C LYS A 395 -7.66 10.78 -7.23
N ILE A 396 -6.84 11.20 -6.26
CA ILE A 396 -7.33 12.06 -5.20
C ILE A 396 -7.76 13.41 -5.76
N LYS A 397 -6.94 13.98 -6.66
CA LYS A 397 -7.30 15.27 -7.23
C LYS A 397 -8.62 15.17 -8.01
N ASN A 398 -8.81 14.06 -8.72
CA ASN A 398 -10.06 13.85 -9.45
C ASN A 398 -11.24 13.69 -8.49
N ILE A 399 -11.04 12.99 -7.37
CA ILE A 399 -12.11 12.87 -6.38
C ILE A 399 -12.47 14.23 -5.82
N ILE A 400 -11.46 15.06 -5.52
CA ILE A 400 -11.75 16.39 -4.97
C ILE A 400 -12.57 17.20 -5.96
N GLU A 401 -12.13 17.24 -7.22
CA GLU A 401 -12.77 18.11 -8.18
C GLU A 401 -14.21 17.68 -8.46
N ARG A 402 -14.46 16.37 -8.50
CA ARG A 402 -15.84 15.96 -8.78
C ARG A 402 -16.76 16.09 -7.58
N ASN A 403 -16.22 16.38 -6.40
CA ASN A 403 -17.05 16.57 -5.23
C ASN A 403 -17.21 18.01 -4.79
N VAL A 404 -16.25 18.89 -5.05
CA VAL A 404 -16.34 20.26 -4.54
C VAL A 404 -16.26 21.32 -5.64
N THR A 405 -16.56 21.00 -6.89
CA THR A 405 -16.22 21.96 -7.95
C THR A 405 -17.10 23.20 -7.91
N SER A 406 -18.43 23.02 -7.88
CA SER A 406 -19.30 24.20 -7.89
C SER A 406 -18.84 25.20 -6.85
N GLY A 407 -18.49 24.72 -5.66
CA GLY A 407 -18.02 25.59 -4.58
C GLY A 407 -16.73 26.33 -4.91
N LEU A 408 -15.91 25.80 -5.82
CA LEU A 408 -14.62 26.43 -6.11
C LEU A 408 -14.70 27.46 -7.24
N ILE A 409 -15.68 27.35 -8.13
CA ILE A 409 -15.52 28.04 -9.41
C ILE A 409 -15.78 29.54 -9.30
N TYR A 410 -16.61 29.97 -8.34
CA TYR A 410 -17.07 31.36 -8.31
C TYR A 410 -16.61 32.15 -7.08
N LEU A 411 -15.75 31.58 -6.21
CA LEU A 411 -15.17 32.26 -5.05
C LEU A 411 -14.79 33.71 -5.37
N PRO A 412 -15.19 34.67 -4.54
CA PRO A 412 -14.84 36.07 -4.84
C PRO A 412 -13.34 36.27 -4.93
N SER A 413 -12.96 37.32 -5.65
CA SER A 413 -11.58 37.52 -6.06
C SER A 413 -10.61 37.67 -4.89
N SER A 414 -11.05 38.19 -3.76
CA SER A 414 -10.06 38.79 -2.87
C SER A 414 -10.60 38.99 -1.46
N ALA A 415 -9.70 38.91 -0.48
CA ALA A 415 -10.05 39.39 0.86
C ALA A 415 -10.52 40.84 0.81
N ARG A 416 -10.08 41.60 -0.20
CA ARG A 416 -10.56 42.97 -0.40
C ARG A 416 -12.06 43.04 -0.62
N ASP A 417 -12.66 41.99 -1.20
CA ASP A 417 -14.11 41.96 -1.33
C ASP A 417 -14.79 41.85 0.04
N LEU A 418 -14.23 41.01 0.92
CA LEU A 418 -14.78 40.87 2.27
C LEU A 418 -14.60 42.13 3.10
N ASN A 419 -13.55 42.89 2.81
CA ASN A 419 -13.23 44.08 3.60
C ASN A 419 -13.87 45.35 3.04
N ASN A 420 -14.59 45.25 1.93
CA ASN A 420 -15.41 46.34 1.42
C ASN A 420 -16.86 46.07 1.77
N PRO A 421 -17.45 46.81 2.71
CA PRO A 421 -18.84 46.49 3.12
C PRO A 421 -19.85 46.56 1.99
N GLN A 422 -19.56 47.34 0.93
CA GLN A 422 -20.48 47.40 -0.20
C GLN A 422 -20.60 46.03 -0.90
N ILE A 423 -19.54 45.22 -0.87
CA ILE A 423 -19.55 43.88 -1.45
C ILE A 423 -19.87 42.84 -0.40
N ASP A 424 -19.25 42.98 0.78
CA ASP A 424 -19.41 42.00 1.84
C ASP A 424 -20.86 41.83 2.25
N GLN A 425 -21.68 42.87 2.13
CA GLN A 425 -23.09 42.73 2.49
C GLN A 425 -23.76 41.62 1.67
N TYR A 426 -23.34 41.44 0.42
CA TYR A 426 -23.93 40.41 -0.41
C TYR A 426 -23.28 39.05 -0.16
N LEU A 427 -21.95 39.02 -0.03
CA LEU A 427 -21.28 37.76 0.27
C LEU A 427 -21.79 37.16 1.57
N ALA A 428 -22.10 38.01 2.56
CA ALA A 428 -22.57 37.50 3.85
C ALA A 428 -23.91 36.81 3.72
N LYS A 429 -24.71 37.20 2.75
CA LYS A 429 -26.02 36.64 2.50
C LYS A 429 -25.97 35.42 1.59
N TYR A 430 -25.11 35.45 0.56
CA TYR A 430 -25.19 34.48 -0.53
C TYR A 430 -24.11 33.41 -0.52
N VAL A 431 -23.08 33.49 0.33
CA VAL A 431 -22.00 32.51 0.29
C VAL A 431 -21.71 31.99 1.70
N ARG A 432 -22.77 31.66 2.44
CA ARG A 432 -22.55 31.08 3.75
C ARG A 432 -22.23 29.59 3.62
N GLY A 433 -21.65 29.06 4.68
CA GLY A 433 -21.44 27.63 4.76
C GLY A 433 -22.73 26.90 5.09
N SER A 434 -22.79 25.65 4.64
CA SER A 434 -23.99 24.85 4.79
C SER A 434 -24.27 24.51 6.25
N ASN A 435 -23.23 24.48 7.08
CA ASN A 435 -23.34 23.96 8.44
C ASN A 435 -23.24 25.08 9.48
N GLY A 436 -24.00 26.15 9.32
CA GLY A 436 -23.95 27.24 10.28
C GLY A 436 -22.68 28.04 10.24
N MET A 437 -21.96 27.97 9.14
CA MET A 437 -20.65 28.58 9.01
C MET A 437 -20.78 29.89 8.26
N ASP A 438 -20.07 30.93 8.72
CA ASP A 438 -20.21 32.21 8.04
C ASP A 438 -19.43 32.20 6.71
N HIS A 439 -19.69 33.22 5.89
CA HIS A 439 -19.10 33.26 4.55
C HIS A 439 -17.59 33.42 4.59
N VAL A 440 -17.05 34.11 5.59
CA VAL A 440 -15.60 34.30 5.65
C VAL A 440 -14.90 32.95 5.80
N GLN A 441 -15.44 32.09 6.65
CA GLN A 441 -14.81 30.78 6.90
C GLN A 441 -15.06 29.84 5.72
N ARG A 442 -16.27 29.84 5.17
CA ARG A 442 -16.53 29.04 3.96
C ARG A 442 -15.56 29.41 2.85
N ILE A 443 -15.47 30.69 2.50
CA ILE A 443 -14.60 31.12 1.42
C ILE A 443 -13.15 30.79 1.75
N LYS A 444 -12.79 30.91 3.02
CA LYS A 444 -11.41 30.65 3.44
C LYS A 444 -11.03 29.19 3.20
N ILE A 445 -11.90 28.26 3.62
CA ILE A 445 -11.62 26.84 3.46
C ILE A 445 -11.51 26.48 1.99
N LEU A 446 -12.44 26.98 1.18
CA LEU A 446 -12.46 26.62 -0.23
C LEU A 446 -11.29 27.26 -0.99
N LYS A 447 -10.86 28.47 -0.58
CA LYS A 447 -9.67 29.05 -1.20
C LYS A 447 -8.42 28.27 -0.84
N LEU A 448 -8.36 27.69 0.36
CA LEU A 448 -7.25 26.83 0.72
C LEU A 448 -7.24 25.57 -0.15
N MET A 449 -8.41 24.96 -0.34
CA MET A 449 -8.49 23.79 -1.22
C MET A 449 -8.06 24.16 -2.64
N TRP A 450 -8.51 25.33 -3.12
CA TRP A 450 -8.16 25.76 -4.47
C TRP A 450 -6.66 25.98 -4.60
N ASP A 451 -6.02 26.60 -3.61
CA ASP A 451 -4.57 26.80 -3.69
C ASP A 451 -3.85 25.46 -3.68
N ALA A 452 -4.46 24.45 -3.04
CA ALA A 452 -3.86 23.13 -2.99
C ALA A 452 -3.89 22.41 -4.34
N ILE A 453 -4.93 22.63 -5.15
CA ILE A 453 -5.12 21.80 -6.34
C ILE A 453 -5.22 22.58 -7.64
N GLY A 454 -5.70 23.82 -7.60
CA GLY A 454 -6.03 24.50 -8.85
C GLY A 454 -5.22 25.75 -9.19
N SER A 455 -4.67 26.41 -8.19
CA SER A 455 -3.76 27.52 -8.45
C SER A 455 -2.57 27.05 -9.28
N GLU A 456 -1.75 28.00 -9.73
CA GLU A 456 -0.54 27.61 -10.44
C GLU A 456 0.38 26.79 -9.54
N PHE A 457 0.46 27.17 -8.26
CA PHE A 457 1.15 26.37 -7.24
C PHE A 457 0.56 24.96 -7.16
N GLY A 458 -0.77 24.86 -7.13
CA GLY A 458 -1.41 23.54 -7.11
C GLY A 458 -1.10 22.74 -8.36
N GLY A 459 -1.09 23.40 -9.52
CA GLY A 459 -0.77 22.70 -10.76
C GLY A 459 0.67 22.23 -10.78
N ARG A 460 1.58 23.06 -10.28
CA ARG A 460 2.97 22.65 -10.17
C ARG A 460 3.11 21.46 -9.23
N HIS A 461 2.37 21.46 -8.14
CA HIS A 461 2.48 20.33 -7.22
C HIS A 461 1.94 19.05 -7.84
N GLU A 462 0.89 19.15 -8.67
CA GLU A 462 0.43 17.97 -9.40
C GLU A 462 1.53 17.43 -10.32
N LEU A 463 2.17 18.31 -11.09
CA LEU A 463 3.31 17.89 -11.91
C LEU A 463 4.40 17.26 -11.06
N TYR A 464 4.70 17.88 -9.92
CA TYR A 464 5.74 17.40 -9.01
C TYR A 464 5.43 15.99 -8.50
N GLU A 465 4.20 15.75 -8.04
CA GLU A 465 3.88 14.45 -7.45
C GLU A 465 3.77 13.36 -8.52
N ILE A 466 3.34 13.70 -9.73
CA ILE A 466 3.10 12.68 -10.76
C ILE A 466 4.38 12.35 -11.52
N ASN A 467 5.21 13.36 -11.79
CA ASN A 467 6.29 13.27 -12.76
C ASN A 467 7.67 13.28 -12.12
N TYR A 468 7.87 14.11 -11.11
CA TYR A 468 9.16 14.13 -10.44
C TYR A 468 9.35 12.79 -9.76
N SER A 469 10.29 11.99 -10.26
CA SER A 469 10.68 10.65 -9.82
C SER A 469 10.97 9.81 -11.06
N GLY A 470 10.62 10.34 -12.22
CA GLY A 470 10.86 9.67 -13.49
C GLY A 470 9.58 9.48 -14.28
N SER A 471 9.77 9.03 -15.51
CA SER A 471 8.64 8.72 -16.36
C SER A 471 7.89 7.51 -15.81
N GLN A 472 6.61 7.40 -16.19
CA GLN A 472 5.78 6.32 -15.67
C GLN A 472 6.34 4.94 -16.05
N ASP A 473 6.88 4.82 -17.27
CA ASP A 473 7.53 3.58 -17.69
C ASP A 473 8.71 3.26 -16.80
N GLU A 474 9.59 4.26 -16.59
CA GLU A 474 10.86 4.01 -15.90
C GLU A 474 10.64 3.60 -14.45
N ILE A 475 9.69 4.25 -13.76
CA ILE A 475 9.48 3.87 -12.36
C ILE A 475 8.95 2.45 -12.27
N ARG A 476 8.17 2.02 -13.26
CA ARG A 476 7.68 0.63 -13.26
C ARG A 476 8.82 -0.34 -13.58
N LEU A 477 9.69 0.03 -14.53
CA LEU A 477 10.86 -0.80 -14.82
C LEU A 477 11.75 -0.95 -13.60
N GLN A 478 11.94 0.13 -12.84
CA GLN A 478 12.77 0.04 -11.65
C GLN A 478 12.14 -0.90 -10.63
N CYS A 479 10.82 -0.91 -10.54
CA CYS A 479 10.12 -1.84 -9.65
C CYS A 479 10.34 -3.28 -10.09
N LEU A 480 10.19 -3.54 -11.40
CA LEU A 480 10.45 -4.88 -11.91
C LEU A 480 11.89 -5.30 -11.66
N ARG A 481 12.85 -4.42 -11.95
CA ARG A 481 14.25 -4.76 -11.77
C ARG A 481 14.58 -5.06 -10.31
N GLN A 482 13.97 -4.32 -9.37
CA GLN A 482 14.20 -4.63 -7.97
C GLN A 482 13.70 -6.03 -7.63
N ALA A 483 12.52 -6.39 -8.13
CA ALA A 483 12.00 -7.74 -7.86
C ALA A 483 12.92 -8.81 -8.42
N GLN A 484 13.48 -8.56 -9.61
CA GLN A 484 14.38 -9.55 -10.21
C GLN A 484 15.73 -9.57 -9.50
N ASN A 485 16.33 -8.40 -9.27
CA ASN A 485 17.66 -8.34 -8.68
C ASN A 485 17.68 -8.89 -7.26
N SER A 486 16.60 -8.69 -6.51
CA SER A 486 16.53 -9.19 -5.14
C SER A 486 16.35 -10.70 -5.07
N GLY A 487 16.02 -11.35 -6.18
CA GLY A 487 15.63 -12.74 -6.16
C GLY A 487 14.15 -12.99 -5.90
N ASN A 488 13.37 -11.93 -5.62
CA ASN A 488 11.92 -12.10 -5.39
C ASN A 488 11.22 -12.73 -6.59
N MET A 489 11.54 -12.26 -7.81
CA MET A 489 10.85 -12.78 -8.98
C MET A 489 11.15 -14.27 -9.18
N ASP A 490 12.39 -14.69 -8.97
CA ASP A 490 12.69 -16.11 -9.10
C ASP A 490 12.00 -16.94 -8.03
N LYS A 491 11.80 -16.38 -6.83
CA LYS A 491 11.06 -17.09 -5.81
C LYS A 491 9.59 -17.23 -6.20
N MET A 492 8.98 -16.17 -6.72
CA MET A 492 7.63 -16.27 -7.25
C MET A 492 7.58 -17.28 -8.41
N MET A 493 8.57 -17.23 -9.30
CA MET A 493 8.62 -18.18 -10.41
C MET A 493 8.75 -19.62 -9.93
N ALA A 494 9.47 -19.85 -8.82
CA ALA A 494 9.58 -21.21 -8.30
C ALA A 494 8.20 -21.77 -7.92
N MET A 495 7.31 -20.91 -7.42
CA MET A 495 5.94 -21.35 -7.12
C MET A 495 5.18 -21.74 -8.38
N VAL A 496 5.29 -20.93 -9.44
CA VAL A 496 4.63 -21.27 -10.71
C VAL A 496 5.21 -22.56 -11.28
N ASP A 497 6.53 -22.72 -11.23
CA ASP A 497 7.14 -23.95 -11.74
C ASP A 497 6.68 -25.17 -10.95
N ARG A 498 6.52 -25.01 -9.63
CA ARG A 498 6.04 -26.13 -8.83
C ARG A 498 4.62 -26.50 -9.26
N CYS A 499 3.75 -25.51 -9.42
CA CYS A 499 2.40 -25.76 -9.92
C CYS A 499 2.44 -26.53 -11.24
N LEU A 500 3.26 -26.06 -12.20
CA LEU A 500 3.34 -26.73 -13.50
C LEU A 500 3.86 -28.15 -13.38
N SER A 501 4.75 -28.40 -12.41
CA SER A 501 5.35 -29.72 -12.25
C SER A 501 4.36 -30.77 -11.76
N GLU A 502 3.19 -30.35 -11.27
CA GLU A 502 2.28 -31.29 -10.61
C GLU A 502 1.30 -31.94 -11.57
N TYR A 503 1.41 -31.66 -12.87
CA TYR A 503 0.57 -32.33 -13.85
C TYR A 503 1.30 -32.30 -15.20
N ASP A 504 0.80 -33.09 -16.14
CA ASP A 504 1.32 -33.07 -17.50
C ASP A 504 0.17 -33.47 -18.41
N GLN A 505 0.46 -33.69 -19.69
CA GLN A 505 -0.61 -33.95 -20.66
C GLN A 505 -1.28 -35.28 -20.43
N ASP A 506 -0.76 -36.13 -19.53
CA ASP A 506 -1.41 -37.39 -19.23
C ASP A 506 -2.19 -37.38 -17.93
N GLY A 507 -2.06 -36.35 -17.11
CA GLY A 507 -2.83 -36.22 -15.89
C GLY A 507 -1.97 -35.69 -14.78
N TRP A 508 -2.39 -35.94 -13.54
CA TRP A 508 -1.63 -35.49 -12.37
C TRP A 508 -0.31 -36.25 -12.27
N THR A 509 0.69 -35.59 -11.70
CA THR A 509 1.95 -36.25 -11.36
C THR A 509 2.12 -36.40 -9.86
N VAL A 510 1.15 -35.98 -9.07
CA VAL A 510 1.21 -36.08 -7.61
C VAL A 510 0.15 -37.10 -7.17
N PRO A 511 0.36 -37.84 -6.08
CA PRO A 511 -0.58 -38.92 -5.72
C PRO A 511 -1.86 -38.46 -5.05
N HIS A 512 -1.93 -37.26 -4.48
CA HIS A 512 -3.08 -36.95 -3.64
C HIS A 512 -4.33 -36.53 -4.40
N LEU A 513 -4.21 -36.25 -5.70
CA LEU A 513 -5.36 -35.81 -6.48
C LEU A 513 -5.91 -36.96 -7.31
N HIS A 514 -7.20 -36.86 -7.64
CA HIS A 514 -7.90 -37.92 -8.35
C HIS A 514 -7.73 -37.81 -9.85
N ASN A 515 -7.33 -38.91 -10.48
CA ASN A 515 -7.45 -39.10 -11.92
C ASN A 515 -8.89 -38.84 -12.38
N ASN A 516 -9.06 -38.07 -13.44
CA ASN A 516 -10.42 -37.82 -13.95
C ASN A 516 -10.86 -38.87 -14.97
N ASP A 517 -10.09 -39.93 -15.20
CA ASP A 517 -10.48 -40.93 -16.20
C ASP A 517 -11.83 -41.55 -15.85
N ASP A 518 -12.16 -41.67 -14.56
CA ASP A 518 -13.41 -42.28 -14.16
C ASP A 518 -14.61 -41.38 -14.40
N ILE A 519 -14.40 -40.08 -14.63
CA ILE A 519 -15.52 -39.16 -14.84
C ILE A 519 -15.46 -38.46 -16.17
N ASN A 520 -14.41 -38.66 -16.96
CA ASN A 520 -14.28 -37.95 -18.22
C ASN A 520 -15.26 -38.51 -19.25
N MET A 521 -16.06 -37.63 -19.83
CA MET A 521 -17.16 -38.00 -20.72
C MET A 521 -16.85 -37.76 -22.19
N LEU A 522 -15.62 -37.37 -22.53
CA LEU A 522 -15.37 -36.91 -23.90
C LEU A 522 -15.45 -38.05 -24.90
N ASP A 523 -14.98 -39.25 -24.53
CA ASP A 523 -15.12 -40.40 -25.43
C ASP A 523 -16.58 -40.67 -25.75
N LYS A 524 -17.43 -40.71 -24.72
CA LYS A 524 -18.86 -40.89 -24.93
C LYS A 524 -19.43 -39.82 -25.84
N LEU A 525 -19.00 -38.56 -25.65
CA LEU A 525 -19.56 -37.47 -26.44
C LEU A 525 -19.09 -37.52 -27.89
N LEU A 526 -17.86 -38.01 -28.14
CA LEU A 526 -17.24 -37.82 -29.44
C LEU A 526 -17.00 -39.10 -30.23
N LYS A 527 -17.05 -40.26 -29.60
CA LYS A 527 -16.83 -41.51 -30.34
C LYS A 527 -18.14 -42.10 -30.82
N LYS B 9 -17.22 -34.67 18.00
CA LYS B 9 -17.20 -35.91 17.24
C LYS B 9 -16.21 -35.88 16.04
N PRO B 10 -16.21 -34.82 15.21
CA PRO B 10 -15.25 -34.84 14.08
C PRO B 10 -13.81 -35.02 14.53
N GLU B 11 -13.39 -34.37 15.61
CA GLU B 11 -11.99 -34.53 16.02
C GLU B 11 -11.71 -35.91 16.59
N ASP B 12 -12.75 -36.70 16.87
CA ASP B 12 -12.50 -38.05 17.34
C ASP B 12 -12.00 -38.96 16.24
N PHE B 13 -11.96 -38.49 14.99
CA PHE B 13 -11.27 -39.23 13.95
C PHE B 13 -9.76 -39.13 14.08
N ARG B 14 -9.23 -38.24 14.91
CA ARG B 14 -7.79 -38.17 15.12
C ARG B 14 -7.31 -39.34 15.97
N ALA B 15 -6.12 -39.85 15.64
CA ALA B 15 -5.45 -40.85 16.45
C ALA B 15 -4.75 -40.25 17.66
N SER B 16 -4.72 -38.92 17.78
CA SER B 16 -4.04 -38.26 18.89
C SER B 16 -4.78 -36.97 19.21
N THR B 17 -4.88 -36.65 20.48
CA THR B 17 -5.48 -35.39 20.90
C THR B 17 -4.46 -34.27 21.03
N GLN B 18 -3.19 -34.53 20.72
CA GLN B 18 -2.13 -33.53 20.88
C GLN B 18 -1.68 -32.94 19.55
N ARG B 19 -2.50 -33.03 18.52
CA ARG B 19 -2.20 -32.41 17.23
C ARG B 19 -3.50 -32.23 16.48
N PRO B 20 -3.53 -31.36 15.46
CA PRO B 20 -4.72 -31.29 14.61
C PRO B 20 -4.85 -32.51 13.70
N PHE B 21 -5.94 -32.55 12.95
CA PHE B 21 -6.15 -33.59 11.93
C PHE B 21 -4.90 -33.79 11.09
N THR B 22 -4.62 -35.04 10.73
CA THR B 22 -3.88 -35.29 9.50
C THR B 22 -4.84 -35.20 8.32
N GLY B 23 -4.28 -35.14 7.10
CA GLY B 23 -5.15 -35.06 5.93
C GLY B 23 -6.10 -36.23 5.84
N GLU B 24 -5.59 -37.45 6.07
CA GLU B 24 -6.42 -38.65 6.02
C GLU B 24 -7.51 -38.62 7.08
N GLU B 25 -7.19 -38.15 8.29
CA GLU B 25 -8.22 -38.05 9.32
C GLU B 25 -9.26 -37.01 8.96
N TYR B 26 -8.82 -35.87 8.40
CA TYR B 26 -9.76 -34.86 7.96
C TYR B 26 -10.75 -35.42 6.94
N LEU B 27 -10.23 -36.14 5.93
CA LEU B 27 -11.12 -36.68 4.90
C LEU B 27 -12.12 -37.66 5.49
N LYS B 28 -11.67 -38.54 6.39
CA LYS B 28 -12.61 -39.45 7.06
C LYS B 28 -13.65 -38.68 7.86
N SER B 29 -13.27 -37.56 8.47
CA SER B 29 -14.23 -36.82 9.29
C SER B 29 -15.35 -36.21 8.46
N LEU B 30 -15.18 -36.09 7.14
CA LEU B 30 -16.21 -35.54 6.27
C LEU B 30 -17.24 -36.58 5.82
N GLN B 31 -16.98 -37.86 6.07
CA GLN B 31 -17.87 -38.93 5.60
C GLN B 31 -18.99 -39.14 6.62
N ASP B 32 -19.82 -38.10 6.76
CA ASP B 32 -20.78 -38.02 7.86
C ASP B 32 -22.22 -37.87 7.40
N GLY B 33 -22.51 -38.12 6.13
CA GLY B 33 -23.87 -37.96 5.64
C GLY B 33 -24.45 -36.56 5.74
N ARG B 34 -23.61 -35.52 5.77
CA ARG B 34 -24.07 -34.16 5.51
C ARG B 34 -24.99 -34.15 4.30
N GLU B 35 -25.95 -33.23 4.29
CA GLU B 35 -26.96 -33.15 3.23
C GLU B 35 -26.58 -32.04 2.26
N ILE B 36 -26.05 -32.44 1.10
CA ILE B 36 -25.57 -31.49 0.09
C ILE B 36 -26.20 -31.85 -1.24
N TYR B 37 -26.70 -30.86 -1.96
CA TYR B 37 -27.23 -31.05 -3.30
C TYR B 37 -26.35 -30.36 -4.33
N ILE B 38 -26.24 -30.97 -5.50
CA ILE B 38 -25.67 -30.30 -6.66
C ILE B 38 -26.26 -30.95 -7.90
N TYR B 39 -26.53 -30.13 -8.92
CA TYR B 39 -27.16 -30.60 -10.16
C TYR B 39 -28.42 -31.42 -9.87
N GLY B 40 -29.22 -30.97 -8.90
CA GLY B 40 -30.48 -31.62 -8.60
C GLY B 40 -30.37 -32.93 -7.84
N GLU B 41 -29.17 -33.34 -7.42
CA GLU B 41 -28.96 -34.64 -6.81
C GLU B 41 -28.29 -34.51 -5.45
N ARG B 42 -28.50 -35.51 -4.62
CA ARG B 42 -27.84 -35.56 -3.32
C ARG B 42 -26.41 -36.06 -3.49
N VAL B 43 -25.49 -35.48 -2.73
CA VAL B 43 -24.09 -35.90 -2.72
C VAL B 43 -23.94 -37.00 -1.69
N LYS B 44 -23.43 -38.16 -2.11
CA LYS B 44 -23.27 -39.27 -1.19
C LYS B 44 -22.12 -39.03 -0.21
N ASP B 45 -20.98 -38.58 -0.74
CA ASP B 45 -19.74 -38.48 0.04
C ASP B 45 -18.87 -37.42 -0.63
N VAL B 46 -18.65 -36.28 0.05
CA VAL B 46 -17.90 -35.19 -0.58
C VAL B 46 -16.47 -35.60 -0.90
N THR B 47 -15.91 -36.57 -0.15
CA THR B 47 -14.52 -36.94 -0.43
C THR B 47 -14.36 -37.80 -1.68
N THR B 48 -15.45 -38.33 -2.23
CA THR B 48 -15.38 -39.11 -3.45
C THR B 48 -16.22 -38.53 -4.58
N HIS B 49 -17.04 -37.52 -4.30
CA HIS B 49 -17.95 -36.98 -5.30
C HIS B 49 -17.19 -36.21 -6.38
N PRO B 50 -17.59 -36.35 -7.65
CA PRO B 50 -16.86 -35.67 -8.75
C PRO B 50 -16.81 -34.14 -8.61
N ALA B 51 -17.71 -33.54 -7.86
CA ALA B 51 -17.72 -32.08 -7.72
C ALA B 51 -16.84 -31.56 -6.59
N PHE B 52 -16.40 -32.43 -5.67
CA PHE B 52 -15.76 -31.99 -4.44
C PHE B 52 -14.48 -32.73 -4.08
N ARG B 53 -14.20 -33.89 -4.69
CA ARG B 53 -13.17 -34.79 -4.15
C ARG B 53 -11.77 -34.16 -4.22
N ASN B 54 -11.48 -33.39 -5.27
CA ASN B 54 -10.13 -32.84 -5.36
C ASN B 54 -9.96 -31.62 -4.46
N ALA B 55 -10.99 -30.78 -4.37
CA ALA B 55 -10.94 -29.67 -3.41
C ALA B 55 -10.74 -30.19 -2.00
N ALA B 56 -11.44 -31.28 -1.64
CA ALA B 56 -11.24 -31.90 -0.34
C ALA B 56 -9.79 -32.37 -0.17
N ALA B 57 -9.26 -33.03 -1.21
CA ALA B 57 -7.87 -33.48 -1.17
C ALA B 57 -6.91 -32.30 -1.03
N SER B 58 -7.22 -31.18 -1.67
CA SER B 58 -6.38 -29.99 -1.55
C SER B 58 -6.37 -29.47 -0.11
N VAL B 59 -7.54 -29.41 0.53
CA VAL B 59 -7.58 -28.98 1.92
C VAL B 59 -6.83 -29.96 2.80
N ALA B 60 -7.00 -31.26 2.54
CA ALA B 60 -6.32 -32.27 3.34
C ALA B 60 -4.81 -32.10 3.31
N GLN B 61 -4.25 -31.60 2.20
CA GLN B 61 -2.81 -31.35 2.14
C GLN B 61 -2.37 -30.29 3.14
N LEU B 62 -3.23 -29.31 3.42
CA LEU B 62 -2.91 -28.32 4.44
C LEU B 62 -2.73 -28.98 5.79
N TYR B 63 -3.64 -29.89 6.15
CA TYR B 63 -3.52 -30.61 7.41
C TYR B 63 -2.26 -31.48 7.44
N ASP B 64 -1.91 -32.11 6.32
CA ASP B 64 -0.70 -32.92 6.26
C ASP B 64 0.55 -32.07 6.51
N ALA B 65 0.57 -30.83 6.01
CA ALA B 65 1.75 -29.98 6.18
C ALA B 65 2.06 -29.71 7.64
N LEU B 66 1.03 -29.68 8.49
CA LEU B 66 1.23 -29.40 9.91
C LEU B 66 2.12 -30.44 10.60
N HIS B 67 2.24 -31.63 10.02
CA HIS B 67 2.94 -32.72 10.67
C HIS B 67 4.27 -33.07 10.02
N LYS B 68 4.66 -32.36 8.97
CA LYS B 68 5.97 -32.55 8.35
C LYS B 68 7.03 -31.85 9.19
N PRO B 69 8.06 -32.56 9.66
CA PRO B 69 9.07 -31.93 10.55
C PRO B 69 9.70 -30.66 9.98
N GLU B 70 9.97 -30.64 8.67
CA GLU B 70 10.59 -29.46 8.08
C GLU B 70 9.64 -28.26 8.01
N MET B 71 8.33 -28.47 8.19
CA MET B 71 7.36 -27.39 8.13
C MET B 71 7.00 -26.81 9.49
N GLN B 72 7.34 -27.47 10.59
CA GLN B 72 6.70 -27.13 11.84
C GLN B 72 7.23 -25.84 12.45
N ASP B 73 8.48 -25.47 12.17
CA ASP B 73 8.99 -24.19 12.65
C ASP B 73 8.20 -23.01 12.08
N SER B 74 7.83 -23.10 10.80
CA SER B 74 7.08 -22.00 10.19
C SER B 74 5.57 -22.13 10.37
N LEU B 75 5.04 -23.35 10.53
CA LEU B 75 3.58 -23.49 10.57
C LEU B 75 3.00 -23.59 11.98
N CYS B 76 3.74 -24.08 12.97
CA CYS B 76 3.12 -24.56 14.20
C CYS B 76 3.72 -23.93 15.46
N TRP B 77 2.87 -23.84 16.48
CA TRP B 77 3.22 -23.47 17.84
C TRP B 77 2.69 -24.53 18.80
N ASN B 78 3.22 -24.56 20.01
CA ASN B 78 2.52 -25.25 21.09
C ASN B 78 1.12 -24.62 21.27
N THR B 79 0.16 -25.45 21.68
CA THR B 79 -1.13 -24.90 22.09
C THR B 79 -0.94 -24.08 23.38
N ASP B 80 -1.91 -23.21 23.68
CA ASP B 80 -1.90 -22.49 24.96
C ASP B 80 -2.88 -23.09 25.96
N THR B 81 -3.38 -24.29 25.70
CA THR B 81 -4.44 -24.91 26.48
C THR B 81 -3.92 -25.84 27.58
N GLY B 82 -2.62 -26.11 27.63
CA GLY B 82 -2.09 -27.09 28.55
C GLY B 82 -2.16 -28.53 28.06
N SER B 83 -2.57 -28.75 26.83
CA SER B 83 -2.72 -30.11 26.31
C SER B 83 -1.40 -30.80 26.01
N GLY B 84 -0.29 -30.07 25.92
CA GLY B 84 0.92 -30.69 25.44
C GLY B 84 0.95 -30.87 23.93
N GLY B 85 0.02 -30.28 23.21
CA GLY B 85 -0.08 -30.44 21.78
C GLY B 85 0.48 -29.27 21.01
N TYR B 86 0.26 -29.30 19.69
CA TYR B 86 0.65 -28.20 18.83
C TYR B 86 -0.49 -27.91 17.85
N THR B 87 -0.37 -26.77 17.18
CA THR B 87 -1.41 -26.30 16.27
C THR B 87 -0.80 -25.31 15.29
N HIS B 88 -1.54 -25.01 14.23
CA HIS B 88 -1.14 -23.95 13.33
C HIS B 88 -1.13 -22.62 14.08
N LYS B 89 -0.11 -21.79 13.82
CA LYS B 89 0.13 -20.61 14.63
C LYS B 89 -1.07 -19.67 14.67
N PHE B 90 -1.82 -19.56 13.57
CA PHE B 90 -2.95 -18.63 13.55
C PHE B 90 -4.17 -19.14 14.32
N PHE B 91 -4.14 -20.34 14.87
CA PHE B 91 -5.24 -20.88 15.67
C PHE B 91 -5.11 -20.56 17.14
N ARG B 92 -4.05 -19.86 17.51
CA ARG B 92 -3.75 -19.49 18.89
C ARG B 92 -3.64 -17.97 18.98
N VAL B 93 -4.16 -17.40 20.08
CA VAL B 93 -4.21 -15.94 20.25
C VAL B 93 -2.80 -15.37 20.25
N ALA B 94 -2.59 -14.32 19.45
CA ALA B 94 -1.30 -13.62 19.43
C ALA B 94 -1.17 -12.66 20.60
N LYS B 95 0.03 -12.63 21.20
CA LYS B 95 0.28 -11.81 22.39
C LYS B 95 1.37 -10.75 22.15
N SER B 96 1.67 -10.44 20.89
CA SER B 96 2.68 -9.44 20.54
C SER B 96 2.61 -9.17 19.05
N ALA B 97 3.29 -8.10 18.62
CA ALA B 97 3.43 -7.84 17.19
C ALA B 97 4.22 -8.94 16.50
N ASP B 98 5.25 -9.47 17.17
CA ASP B 98 6.01 -10.55 16.54
C ASP B 98 5.19 -11.82 16.41
N ASP B 99 4.33 -12.12 17.38
CA ASP B 99 3.40 -13.25 17.22
C ASP B 99 2.58 -13.08 15.94
N LEU B 100 2.03 -11.89 15.72
CA LEU B 100 1.27 -11.66 14.51
C LEU B 100 2.12 -11.87 13.26
N ARG B 101 3.37 -11.41 13.29
CA ARG B 101 4.25 -11.63 12.14
C ARG B 101 4.50 -13.12 11.89
N GLN B 102 4.75 -13.89 12.95
CA GLN B 102 4.88 -15.33 12.77
C GLN B 102 3.60 -15.95 12.21
N GLN B 103 2.44 -15.46 12.67
CA GLN B 103 1.17 -15.95 12.13
C GLN B 103 1.04 -15.59 10.65
N ARG B 104 1.36 -14.35 10.31
CA ARG B 104 1.40 -13.92 8.91
C ARG B 104 2.19 -14.92 8.07
N ASP B 105 3.38 -15.32 8.55
CA ASP B 105 4.21 -16.24 7.78
C ASP B 105 3.64 -17.64 7.72
N ALA B 106 2.99 -18.09 8.80
CA ALA B 106 2.37 -19.42 8.80
C ALA B 106 1.17 -19.46 7.87
N ILE B 107 0.39 -18.37 7.82
CA ILE B 107 -0.70 -18.28 6.85
C ILE B 107 -0.15 -18.35 5.42
N ALA B 108 0.93 -17.62 5.17
CA ALA B 108 1.51 -17.59 3.82
C ALA B 108 1.95 -18.99 3.39
N GLU B 109 2.59 -19.74 4.29
CA GLU B 109 3.03 -21.10 3.95
C GLU B 109 1.84 -22.00 3.58
N TRP B 110 0.74 -21.91 4.33
CA TRP B 110 -0.46 -22.65 3.95
C TRP B 110 -1.03 -22.17 2.63
N SER B 111 -1.11 -20.85 2.45
CA SER B 111 -1.63 -20.31 1.20
C SER B 111 -0.85 -20.81 -0.02
N ARG B 112 0.47 -20.94 0.12
CA ARG B 112 1.26 -21.37 -1.01
C ARG B 112 0.91 -22.78 -1.47
N LEU B 113 0.33 -23.59 -0.59
CA LEU B 113 -0.06 -24.94 -0.99
C LEU B 113 -1.22 -24.93 -1.99
N SER B 114 -1.97 -23.83 -2.09
CA SER B 114 -2.94 -23.69 -3.17
C SER B 114 -2.57 -22.56 -4.12
N TYR B 115 -1.31 -22.09 -4.07
CA TYR B 115 -0.83 -20.99 -4.92
C TYR B 115 -1.71 -19.74 -4.80
N GLY B 116 -2.34 -19.59 -3.63
CA GLY B 116 -3.20 -18.44 -3.37
C GLY B 116 -4.63 -18.56 -3.85
N TRP B 117 -5.04 -19.71 -4.37
CA TRP B 117 -6.36 -19.81 -5.00
C TRP B 117 -7.47 -20.27 -4.07
N MET B 118 -7.17 -20.92 -2.96
CA MET B 118 -8.20 -21.26 -1.99
C MET B 118 -8.20 -20.17 -0.92
N GLY B 119 -9.31 -19.43 -0.83
CA GLY B 119 -9.37 -18.27 0.04
C GLY B 119 -10.09 -18.53 1.34
N ARG B 120 -10.80 -19.64 1.42
CA ARG B 120 -11.61 -19.95 2.59
C ARG B 120 -11.10 -21.22 3.27
N THR B 121 -9.78 -21.35 3.38
CA THR B 121 -9.18 -22.49 4.04
C THR B 121 -9.39 -22.39 5.56
N PRO B 122 -9.00 -23.42 6.32
CA PRO B 122 -9.34 -23.41 7.77
C PRO B 122 -8.75 -22.24 8.54
N ASP B 123 -7.63 -21.65 8.08
CA ASP B 123 -7.03 -20.54 8.81
C ASP B 123 -7.87 -19.26 8.76
N TYR B 124 -8.77 -19.13 7.79
CA TYR B 124 -9.63 -17.95 7.78
C TYR B 124 -10.47 -17.85 9.06
N LYS B 125 -11.20 -18.92 9.40
CA LYS B 125 -12.00 -18.88 10.62
C LYS B 125 -11.19 -19.21 11.87
N ALA B 126 -9.91 -19.58 11.74
CA ALA B 126 -9.08 -19.63 12.94
C ALA B 126 -9.10 -18.27 13.65
N ALA B 127 -9.24 -17.17 12.89
CA ALA B 127 -9.35 -15.86 13.53
C ALA B 127 -10.62 -15.73 14.36
N PHE B 128 -11.70 -16.42 13.96
CA PHE B 128 -12.91 -16.46 14.79
C PHE B 128 -12.66 -17.21 16.09
N GLY B 129 -12.02 -18.38 16.00
CA GLY B 129 -11.60 -19.07 17.20
C GLY B 129 -10.81 -18.20 18.14
N CYS B 130 -9.81 -17.49 17.61
CA CYS B 130 -8.97 -16.64 18.46
C CYS B 130 -9.76 -15.47 19.03
N ALA B 131 -10.66 -14.87 18.25
CA ALA B 131 -11.50 -13.81 18.80
C ALA B 131 -12.31 -14.32 19.98
N LEU B 132 -12.85 -15.54 19.87
CA LEU B 132 -13.58 -16.14 21.00
C LEU B 132 -12.67 -16.29 22.21
N GLY B 133 -11.44 -16.78 22.00
CA GLY B 133 -10.54 -17.02 23.12
C GLY B 133 -9.95 -15.76 23.72
N ALA B 134 -9.83 -14.70 22.93
CA ALA B 134 -9.24 -13.46 23.40
C ALA B 134 -10.24 -12.59 24.16
N ASN B 135 -11.52 -12.59 23.76
CA ASN B 135 -12.52 -11.73 24.38
C ASN B 135 -13.78 -12.52 24.77
N PRO B 136 -13.64 -13.60 25.52
CA PRO B 136 -14.84 -14.42 25.82
C PRO B 136 -15.84 -13.68 26.69
N GLY B 137 -15.39 -12.75 27.52
CA GLY B 137 -16.29 -11.97 28.35
C GLY B 137 -17.30 -11.15 27.57
N PHE B 138 -17.04 -10.91 26.28
CA PHE B 138 -18.02 -10.19 25.47
C PHE B 138 -19.38 -10.89 25.45
N TYR B 139 -19.39 -12.21 25.59
CA TYR B 139 -20.58 -13.00 25.32
C TYR B 139 -21.47 -13.19 26.53
N GLY B 140 -21.15 -12.58 27.67
CA GLY B 140 -22.05 -12.63 28.82
C GLY B 140 -22.27 -14.04 29.30
N GLN B 141 -23.53 -14.47 29.35
CA GLN B 141 -23.82 -15.81 29.86
C GLN B 141 -23.24 -16.90 28.99
N PHE B 142 -22.86 -16.59 27.76
CA PHE B 142 -22.26 -17.58 26.87
C PHE B 142 -20.73 -17.49 26.85
N GLU B 143 -20.13 -16.79 27.81
CA GLU B 143 -18.67 -16.66 27.86
C GLU B 143 -17.99 -18.02 27.89
N GLN B 144 -18.54 -18.99 28.64
CA GLN B 144 -17.88 -20.29 28.70
C GLN B 144 -17.96 -21.02 27.36
N ASN B 145 -19.04 -20.83 26.59
CA ASN B 145 -19.09 -21.42 25.25
C ASN B 145 -17.97 -20.86 24.38
N ALA B 146 -17.73 -19.55 24.48
CA ALA B 146 -16.63 -18.94 23.72
C ALA B 146 -15.29 -19.57 24.09
N ARG B 147 -15.00 -19.66 25.39
CA ARG B 147 -13.76 -20.29 25.83
C ARG B 147 -13.64 -21.72 25.33
N ASN B 148 -14.73 -22.49 25.43
CA ASN B 148 -14.65 -23.89 25.06
C ASN B 148 -14.48 -24.06 23.56
N TRP B 149 -15.11 -23.20 22.77
CA TRP B 149 -14.94 -23.31 21.31
C TRP B 149 -13.54 -22.90 20.89
N TYR B 150 -12.97 -21.88 21.53
CA TYR B 150 -11.57 -21.54 21.26
C TYR B 150 -10.66 -22.75 21.46
N THR B 151 -10.75 -23.39 22.64
CA THR B 151 -9.92 -24.57 22.92
C THR B 151 -10.11 -25.65 21.86
N ARG B 152 -11.36 -25.90 21.50
CA ARG B 152 -11.64 -26.99 20.58
C ARG B 152 -11.10 -26.68 19.19
N ILE B 153 -11.37 -25.48 18.67
CA ILE B 153 -10.86 -25.12 17.35
C ILE B 153 -9.35 -25.16 17.34
N GLN B 154 -8.71 -24.61 18.37
CA GLN B 154 -7.25 -24.53 18.41
C GLN B 154 -6.60 -25.92 18.44
N GLU B 155 -7.08 -26.80 19.32
CA GLU B 155 -6.38 -28.08 19.48
C GLU B 155 -6.61 -29.00 18.29
N THR B 156 -7.77 -28.93 17.66
CA THR B 156 -8.14 -29.90 16.65
C THR B 156 -7.88 -29.41 15.24
N GLY B 157 -7.82 -28.10 15.05
CA GLY B 157 -7.79 -27.55 13.71
C GLY B 157 -9.13 -27.69 13.01
N LEU B 158 -10.24 -27.68 13.76
CA LEU B 158 -11.57 -27.75 13.17
C LEU B 158 -11.73 -26.73 12.04
N TYR B 159 -12.36 -27.16 10.96
CA TYR B 159 -12.57 -26.32 9.78
C TYR B 159 -13.92 -25.62 9.91
N PHE B 160 -13.91 -24.32 10.16
CA PHE B 160 -15.10 -23.49 10.21
C PHE B 160 -15.23 -22.68 8.92
N ASN B 161 -16.47 -22.34 8.57
CA ASN B 161 -16.74 -21.26 7.64
C ASN B 161 -17.74 -20.34 8.32
N HIS B 162 -17.97 -19.16 7.77
CA HIS B 162 -19.09 -18.38 8.25
C HIS B 162 -20.11 -18.22 7.14
N ALA B 163 -21.38 -18.28 7.53
CA ALA B 163 -22.50 -18.03 6.64
C ALA B 163 -23.25 -16.85 7.23
N ILE B 164 -23.16 -15.69 6.58
CA ILE B 164 -23.63 -14.46 7.18
C ILE B 164 -24.47 -13.60 6.24
N VAL B 165 -24.35 -13.75 4.91
CA VAL B 165 -25.08 -12.93 3.97
C VAL B 165 -26.54 -13.39 3.87
N ASN B 166 -27.47 -12.44 4.04
CA ASN B 166 -28.89 -12.79 4.07
C ASN B 166 -29.44 -13.03 2.66
N PRO B 167 -30.44 -13.91 2.53
CA PRO B 167 -31.06 -14.14 1.21
C PRO B 167 -31.84 -12.91 0.77
N PRO B 168 -32.14 -12.79 -0.53
CA PRO B 168 -32.95 -11.66 -0.98
C PRO B 168 -34.40 -11.77 -0.50
N ILE B 169 -35.06 -10.62 -0.44
CA ILE B 169 -36.44 -10.49 0.01
C ILE B 169 -37.29 -9.92 -1.11
N ASP B 170 -38.41 -10.58 -1.41
CA ASP B 170 -39.43 -10.03 -2.30
C ASP B 170 -40.22 -8.97 -1.54
N ARG B 171 -40.03 -7.71 -1.94
CA ARG B 171 -40.64 -6.52 -1.33
C ARG B 171 -42.14 -6.44 -1.56
N HIS B 172 -42.66 -7.13 -2.55
CA HIS B 172 -44.09 -7.10 -2.82
C HIS B 172 -44.86 -8.15 -2.04
N LEU B 173 -44.16 -9.08 -1.41
CA LEU B 173 -44.82 -10.07 -0.57
C LEU B 173 -45.38 -9.38 0.68
N PRO B 174 -46.38 -9.98 1.33
CA PRO B 174 -46.84 -9.41 2.60
C PRO B 174 -45.68 -9.39 3.59
N THR B 175 -45.75 -8.47 4.56
CA THR B 175 -44.78 -8.55 5.65
C THR B 175 -44.94 -9.89 6.35
N ASP B 176 -46.16 -10.42 6.38
CA ASP B 176 -46.33 -11.84 6.62
C ASP B 176 -45.78 -12.61 5.41
N LYS B 177 -44.94 -13.60 5.73
CA LYS B 177 -44.25 -14.60 4.92
C LYS B 177 -42.79 -14.26 4.72
N VAL B 178 -42.44 -12.98 4.82
CA VAL B 178 -41.04 -12.69 4.59
C VAL B 178 -40.23 -12.84 5.86
N LYS B 179 -40.88 -13.01 7.02
CA LYS B 179 -40.11 -13.33 8.21
C LYS B 179 -39.54 -14.74 8.21
N ASP B 180 -40.00 -15.60 7.31
CA ASP B 180 -39.47 -16.93 7.17
C ASP B 180 -38.17 -16.98 6.37
N VAL B 181 -37.75 -15.86 5.77
CA VAL B 181 -36.57 -15.94 4.91
C VAL B 181 -35.28 -15.91 5.72
N TYR B 182 -35.21 -15.06 6.74
CA TYR B 182 -33.98 -14.89 7.50
C TYR B 182 -33.85 -15.97 8.56
N ILE B 183 -32.59 -16.23 8.97
CA ILE B 183 -32.35 -17.09 10.11
C ILE B 183 -33.08 -16.53 11.32
N LYS B 184 -33.85 -17.40 12.00
CA LYS B 184 -34.67 -16.92 13.10
C LYS B 184 -34.85 -18.05 14.11
N LEU B 185 -34.95 -17.67 15.37
CA LEU B 185 -35.31 -18.60 16.43
C LEU B 185 -36.76 -19.06 16.24
N GLU B 186 -36.97 -20.37 16.15
CA GLU B 186 -38.32 -20.93 16.11
C GLU B 186 -38.82 -21.35 17.48
N LYS B 187 -37.97 -22.04 18.24
CA LYS B 187 -38.38 -22.66 19.49
C LYS B 187 -37.19 -22.75 20.43
N GLU B 188 -37.40 -22.39 21.69
CA GLU B 188 -36.41 -22.52 22.74
C GLU B 188 -36.74 -23.76 23.57
N THR B 189 -35.78 -24.70 23.69
CA THR B 189 -35.96 -25.91 24.49
C THR B 189 -34.78 -26.08 25.43
N ASP B 190 -34.92 -27.02 26.37
CA ASP B 190 -33.82 -27.33 27.27
C ASP B 190 -32.64 -27.98 26.56
N ALA B 191 -32.89 -28.61 25.40
CA ALA B 191 -31.82 -29.22 24.64
C ALA B 191 -31.13 -28.24 23.69
N GLY B 192 -31.59 -26.99 23.62
CA GLY B 192 -31.06 -25.99 22.73
C GLY B 192 -32.17 -25.27 21.98
N ILE B 193 -31.80 -24.57 20.90
CA ILE B 193 -32.75 -23.75 20.16
C ILE B 193 -32.95 -24.36 18.79
N ILE B 194 -34.16 -24.23 18.29
CA ILE B 194 -34.50 -24.69 16.95
C ILE B 194 -34.57 -23.48 16.05
N VAL B 195 -33.90 -23.56 14.91
CA VAL B 195 -33.76 -22.40 14.03
C VAL B 195 -34.08 -22.83 12.60
N SER B 196 -34.59 -21.88 11.81
CA SER B 196 -34.81 -22.06 10.39
C SER B 196 -34.45 -20.78 9.66
N GLY B 197 -34.12 -20.91 8.37
CA GLY B 197 -33.77 -19.77 7.55
C GLY B 197 -32.65 -20.14 6.61
N ALA B 198 -32.02 -19.13 6.01
CA ALA B 198 -30.94 -19.41 5.07
C ALA B 198 -29.91 -18.29 5.08
N LYS B 199 -28.71 -18.65 4.63
CA LYS B 199 -27.63 -17.72 4.37
C LYS B 199 -27.07 -18.08 3.00
N VAL B 200 -26.70 -17.08 2.23
CA VAL B 200 -26.10 -17.32 0.93
C VAL B 200 -24.60 -17.08 1.03
N VAL B 201 -23.88 -17.54 0.02
CA VAL B 201 -22.43 -17.42 -0.09
C VAL B 201 -21.75 -18.16 1.07
N ALA B 202 -22.07 -19.45 1.19
CA ALA B 202 -21.40 -20.33 2.17
C ALA B 202 -20.24 -21.02 1.45
N THR B 203 -19.18 -20.27 1.23
CA THR B 203 -18.07 -20.66 0.36
C THR B 203 -17.28 -21.83 0.96
N ASN B 204 -17.24 -22.95 0.22
CA ASN B 204 -16.55 -24.19 0.62
C ASN B 204 -17.16 -24.84 1.85
N SER B 205 -18.37 -24.45 2.25
CA SER B 205 -18.97 -25.07 3.44
C SER B 205 -19.16 -26.58 3.28
N ALA B 206 -19.26 -27.07 2.03
CA ALA B 206 -19.36 -28.50 1.80
C ALA B 206 -18.21 -29.28 2.42
N LEU B 207 -17.08 -28.62 2.65
CA LEU B 207 -15.89 -29.30 3.15
C LEU B 207 -15.59 -28.94 4.60
N THR B 208 -16.48 -28.25 5.30
CA THR B 208 -16.22 -27.79 6.65
C THR B 208 -16.82 -28.74 7.68
N HIS B 209 -16.41 -28.57 8.93
CA HIS B 209 -17.05 -29.24 10.06
C HIS B 209 -18.20 -28.44 10.64
N TYR B 210 -18.03 -27.12 10.75
CA TYR B 210 -19.01 -26.26 11.37
C TYR B 210 -19.09 -24.96 10.60
N ASN B 211 -20.24 -24.31 10.67
CA ASN B 211 -20.41 -22.96 10.18
C ASN B 211 -20.85 -22.08 11.33
N MET B 212 -20.25 -20.89 11.43
CA MET B 212 -20.82 -19.85 12.28
C MET B 212 -21.92 -19.16 11.51
N ILE B 213 -23.09 -19.02 12.15
CA ILE B 213 -24.23 -18.32 11.57
C ILE B 213 -24.44 -17.07 12.39
N GLY B 214 -24.41 -15.91 11.74
CA GLY B 214 -24.58 -14.65 12.43
C GLY B 214 -25.39 -13.62 11.66
N ASP B 224 -37.27 -7.14 16.37
CA ASP B 224 -37.68 -8.48 16.74
C ASP B 224 -36.48 -9.34 17.11
N PRO B 225 -36.28 -9.58 18.41
CA PRO B 225 -35.05 -10.24 18.87
C PRO B 225 -34.89 -11.67 18.39
N ASP B 226 -35.94 -12.32 17.86
CA ASP B 226 -35.77 -13.68 17.37
C ASP B 226 -34.79 -13.77 16.20
N PHE B 227 -34.47 -12.65 15.56
CA PHE B 227 -33.50 -12.61 14.47
C PHE B 227 -32.08 -12.31 14.93
N ALA B 228 -31.88 -11.91 16.19
CA ALA B 228 -30.59 -11.44 16.67
C ALA B 228 -29.85 -12.60 17.33
N LEU B 229 -29.25 -13.45 16.49
CA LEU B 229 -28.59 -14.67 16.92
C LEU B 229 -27.17 -14.75 16.37
N MET B 230 -26.30 -15.41 17.12
CA MET B 230 -25.05 -15.95 16.59
C MET B 230 -24.82 -17.31 17.22
N PHE B 231 -24.56 -18.31 16.39
CA PHE B 231 -24.38 -19.66 16.91
C PHE B 231 -23.55 -20.45 15.92
N VAL B 232 -23.18 -21.65 16.33
CA VAL B 232 -22.36 -22.56 15.55
C VAL B 232 -23.23 -23.72 15.13
N ALA B 233 -23.14 -24.12 13.86
CA ALA B 233 -23.95 -25.23 13.37
C ALA B 233 -23.06 -26.28 12.75
N PRO B 234 -23.15 -27.54 13.16
CA PRO B 234 -22.39 -28.59 12.47
C PRO B 234 -22.96 -28.85 11.09
N MET B 235 -22.07 -29.26 10.18
CA MET B 235 -22.51 -29.55 8.82
C MET B 235 -23.35 -30.81 8.74
N ASP B 236 -23.24 -31.72 9.70
CA ASP B 236 -24.04 -32.95 9.64
C ASP B 236 -25.25 -32.92 10.57
N ALA B 237 -25.64 -31.75 11.07
CA ALA B 237 -26.85 -31.66 11.88
C ALA B 237 -28.08 -31.86 11.01
N ASP B 238 -29.06 -32.60 11.53
CA ASP B 238 -30.29 -32.84 10.79
C ASP B 238 -31.01 -31.53 10.53
N GLY B 239 -31.35 -31.28 9.26
CA GLY B 239 -31.96 -30.04 8.85
C GLY B 239 -30.99 -29.05 8.22
N VAL B 240 -29.69 -29.22 8.41
CA VAL B 240 -28.71 -28.40 7.71
C VAL B 240 -28.50 -28.97 6.31
N LYS B 241 -28.64 -28.13 5.29
CA LYS B 241 -28.53 -28.55 3.90
C LYS B 241 -27.78 -27.50 3.11
N LEU B 242 -26.99 -27.94 2.12
CA LEU B 242 -26.36 -27.00 1.18
C LEU B 242 -26.92 -27.22 -0.21
N ILE B 243 -27.22 -26.12 -0.87
CA ILE B 243 -27.57 -26.11 -2.29
C ILE B 243 -26.39 -25.48 -3.03
N SER B 244 -25.70 -26.29 -3.83
CA SER B 244 -24.44 -25.89 -4.43
C SER B 244 -24.65 -25.07 -5.69
N ARG B 245 -23.66 -24.23 -6.00
CA ARG B 245 -23.54 -23.64 -7.32
C ARG B 245 -22.88 -24.65 -8.26
N ALA B 246 -22.79 -24.29 -9.55
CA ALA B 246 -22.11 -25.14 -10.53
C ALA B 246 -20.71 -25.47 -10.06
N SER B 247 -20.26 -26.68 -10.36
CA SER B 247 -18.95 -27.14 -9.89
C SER B 247 -17.96 -27.03 -11.04
N TYR B 248 -17.05 -26.07 -10.95
CA TYR B 248 -15.99 -25.97 -11.95
C TYR B 248 -15.06 -27.17 -11.88
N GLU B 249 -14.90 -27.76 -10.69
CA GLU B 249 -14.13 -29.00 -10.58
C GLU B 249 -14.77 -30.14 -11.39
N MET B 250 -16.07 -30.36 -11.21
CA MET B 250 -16.71 -31.45 -11.93
C MET B 250 -16.69 -31.22 -13.44
N VAL B 251 -16.97 -29.99 -13.89
CA VAL B 251 -16.97 -29.72 -15.32
C VAL B 251 -15.57 -29.93 -15.90
N ALA B 252 -14.53 -29.47 -15.19
CA ALA B 252 -13.17 -29.67 -15.66
C ALA B 252 -12.80 -31.14 -15.68
N GLY B 253 -13.33 -31.93 -14.74
CA GLY B 253 -13.09 -33.36 -14.78
C GLY B 253 -13.84 -34.06 -15.89
N ALA B 254 -15.10 -33.65 -16.14
CA ALA B 254 -15.94 -34.35 -17.12
C ALA B 254 -15.60 -34.00 -18.56
N THR B 255 -15.18 -32.76 -18.82
CA THR B 255 -14.99 -32.28 -20.18
C THR B 255 -13.60 -31.68 -20.39
N GLY B 256 -12.71 -31.82 -19.43
CA GLY B 256 -11.37 -31.29 -19.58
C GLY B 256 -10.35 -32.24 -18.99
N SER B 257 -9.27 -31.70 -18.44
CA SER B 257 -8.19 -32.50 -17.85
C SER B 257 -7.39 -31.59 -16.95
N PRO B 258 -6.52 -32.14 -16.09
CA PRO B 258 -5.64 -31.26 -15.32
C PRO B 258 -4.81 -30.35 -16.20
N TYR B 259 -4.27 -30.87 -17.31
CA TYR B 259 -3.51 -30.03 -18.24
C TYR B 259 -4.35 -28.87 -18.76
N ASP B 260 -5.63 -29.11 -19.04
CA ASP B 260 -6.46 -28.06 -19.62
C ASP B 260 -7.03 -27.09 -18.57
N TYR B 261 -7.32 -27.57 -17.36
CA TYR B 261 -7.87 -26.72 -16.28
C TYR B 261 -7.12 -27.03 -14.99
N PRO B 262 -5.86 -26.59 -14.90
CA PRO B 262 -5.01 -27.00 -13.76
C PRO B 262 -5.41 -26.41 -12.42
N LEU B 263 -6.16 -25.30 -12.39
CA LEU B 263 -6.65 -24.73 -11.14
C LEU B 263 -8.08 -25.15 -10.83
N SER B 264 -8.98 -25.05 -11.82
CA SER B 264 -10.36 -25.52 -11.67
C SER B 264 -10.41 -26.94 -11.12
N SER B 265 -9.50 -27.80 -11.58
CA SER B 265 -9.58 -29.21 -11.25
C SER B 265 -9.21 -29.51 -9.81
N ARG B 266 -8.60 -28.57 -9.07
CA ARG B 266 -8.22 -28.91 -7.71
C ARG B 266 -8.49 -27.85 -6.64
N PHE B 267 -8.83 -26.59 -6.98
CA PHE B 267 -8.96 -25.52 -5.99
C PHE B 267 -10.35 -24.89 -5.95
N ASP B 268 -11.36 -25.52 -6.54
CA ASP B 268 -12.69 -24.93 -6.60
C ASP B 268 -13.36 -24.95 -5.22
N GLU B 269 -13.79 -23.77 -4.75
CA GLU B 269 -14.46 -23.61 -3.45
C GLU B 269 -15.92 -23.25 -3.72
N ASN B 270 -16.81 -24.22 -3.59
CA ASN B 270 -18.19 -24.06 -4.05
C ASN B 270 -18.95 -23.06 -3.17
N ASP B 271 -19.51 -22.03 -3.79
CA ASP B 271 -20.23 -20.96 -3.08
C ASP B 271 -21.69 -21.38 -2.94
N ALA B 272 -22.03 -22.01 -1.81
CA ALA B 272 -23.34 -22.62 -1.63
C ALA B 272 -24.34 -21.68 -0.96
N ILE B 273 -25.61 -22.04 -1.09
CA ILE B 273 -26.65 -21.54 -0.20
C ILE B 273 -26.73 -22.52 0.97
N LEU B 274 -26.70 -21.99 2.18
CA LEU B 274 -26.84 -22.81 3.38
C LEU B 274 -28.27 -22.65 3.88
N VAL B 275 -28.98 -23.77 3.99
CA VAL B 275 -30.36 -23.81 4.43
C VAL B 275 -30.42 -24.48 5.78
N MET B 276 -31.17 -23.90 6.70
CA MET B 276 -31.49 -24.56 7.96
C MET B 276 -32.99 -24.74 8.05
N ASP B 277 -33.40 -25.99 8.15
CA ASP B 277 -34.80 -26.39 8.18
C ASP B 277 -35.02 -27.12 9.50
N ASN B 278 -35.56 -26.41 10.49
CA ASN B 278 -35.89 -26.99 11.79
C ASN B 278 -34.67 -27.64 12.46
N VAL B 279 -33.57 -26.87 12.56
CA VAL B 279 -32.30 -27.38 13.06
C VAL B 279 -32.19 -27.13 14.56
N LEU B 280 -31.82 -28.16 15.32
CA LEU B 280 -31.58 -28.02 16.75
C LEU B 280 -30.14 -27.61 16.99
N ILE B 281 -29.96 -26.45 17.60
CA ILE B 281 -28.64 -25.92 17.97
C ILE B 281 -28.50 -26.11 19.49
N PRO B 282 -27.61 -26.97 19.95
CA PRO B 282 -27.44 -27.11 21.41
C PRO B 282 -26.97 -25.81 22.05
N TRP B 283 -27.30 -25.63 23.32
CA TRP B 283 -26.95 -24.40 24.03
C TRP B 283 -25.45 -24.16 24.04
N GLU B 284 -24.66 -25.23 24.02
CA GLU B 284 -23.20 -25.13 23.98
C GLU B 284 -22.71 -24.48 22.69
N ASN B 285 -23.58 -24.37 21.68
CA ASN B 285 -23.21 -23.80 20.39
C ASN B 285 -23.75 -22.39 20.21
N VAL B 286 -24.40 -21.83 21.21
CA VAL B 286 -25.00 -20.50 21.11
C VAL B 286 -24.00 -19.48 21.65
N LEU B 287 -23.85 -18.38 20.93
CA LEU B 287 -22.92 -17.34 21.36
C LEU B 287 -23.59 -16.01 21.64
N ILE B 288 -24.59 -15.64 20.83
CA ILE B 288 -25.39 -14.42 21.05
C ILE B 288 -26.84 -14.84 20.88
N TYR B 289 -27.71 -14.45 21.82
CA TYR B 289 -29.06 -15.00 21.85
C TYR B 289 -30.08 -13.91 22.09
N ARG B 290 -30.92 -13.64 21.08
CA ARG B 290 -32.00 -12.66 21.16
C ARG B 290 -31.48 -11.32 21.68
N ASP B 291 -30.41 -10.83 21.05
CA ASP B 291 -29.56 -9.80 21.68
C ASP B 291 -29.12 -8.82 20.60
N PHE B 292 -29.97 -7.82 20.33
CA PHE B 292 -29.67 -6.86 19.28
C PHE B 292 -28.42 -6.07 19.63
N ASP B 293 -28.23 -5.77 20.91
CA ASP B 293 -27.10 -4.94 21.31
C ASP B 293 -25.78 -5.65 21.04
N ARG B 294 -25.67 -6.91 21.44
CA ARG B 294 -24.42 -7.63 21.19
C ARG B 294 -24.23 -7.90 19.71
N CYS B 295 -25.31 -8.25 19.00
CA CYS B 295 -25.20 -8.40 17.54
C CYS B 295 -24.66 -7.13 16.91
N ARG B 296 -25.14 -5.97 17.36
CA ARG B 296 -24.70 -4.71 16.80
C ARG B 296 -23.24 -4.44 17.13
N ARG B 297 -22.81 -4.73 18.35
CA ARG B 297 -21.44 -4.39 18.74
C ARG B 297 -20.41 -5.43 18.31
N TRP B 298 -20.83 -6.59 17.81
CA TRP B 298 -19.89 -7.68 17.62
C TRP B 298 -18.82 -7.36 16.57
N THR B 299 -19.19 -6.69 15.49
CA THR B 299 -18.21 -6.39 14.44
C THR B 299 -17.09 -5.50 14.96
N MET B 300 -17.44 -4.51 15.78
CA MET B 300 -16.41 -3.63 16.36
C MET B 300 -15.67 -4.33 17.48
N GLU B 301 -16.40 -4.97 18.39
CA GLU B 301 -15.84 -5.41 19.67
C GLU B 301 -15.49 -6.88 19.74
N GLY B 302 -16.04 -7.72 18.86
CA GLY B 302 -15.79 -9.14 18.98
C GLY B 302 -14.37 -9.54 18.59
N GLY B 303 -13.76 -8.76 17.70
CA GLY B 303 -12.39 -8.99 17.30
C GLY B 303 -12.24 -9.68 15.96
N PHE B 304 -13.22 -10.50 15.55
CA PHE B 304 -13.05 -11.27 14.32
C PHE B 304 -12.79 -10.37 13.12
N ALA B 305 -13.58 -9.30 12.96
CA ALA B 305 -13.40 -8.40 11.82
C ALA B 305 -12.09 -7.63 11.90
N ARG B 306 -11.55 -7.46 13.10
CA ARG B 306 -10.25 -6.86 13.32
C ARG B 306 -9.10 -7.86 13.16
N MET B 307 -9.39 -9.16 12.86
CA MET B 307 -8.30 -10.12 12.76
C MET B 307 -8.25 -10.91 11.47
N TYR B 308 -9.40 -11.31 10.92
CA TYR B 308 -9.34 -12.13 9.71
C TYR B 308 -8.71 -11.44 8.51
N PRO B 309 -8.77 -10.12 8.33
CA PRO B 309 -8.15 -9.53 7.13
C PRO B 309 -6.64 -9.70 7.08
N LEU B 310 -5.98 -10.02 8.19
CA LEU B 310 -4.57 -10.40 8.10
C LEU B 310 -4.41 -11.66 7.25
N GLN B 311 -5.27 -12.65 7.49
CA GLN B 311 -5.25 -13.85 6.66
C GLN B 311 -5.62 -13.53 5.22
N ALA B 312 -6.67 -12.72 5.03
CA ALA B 312 -7.18 -12.47 3.68
C ALA B 312 -6.17 -11.69 2.86
N CYS B 313 -5.48 -10.73 3.49
CA CYS B 313 -4.47 -9.94 2.79
C CYS B 313 -3.28 -10.82 2.40
N VAL B 314 -2.83 -11.68 3.30
CA VAL B 314 -1.70 -12.55 3.00
C VAL B 314 -2.06 -13.52 1.89
N ARG B 315 -3.25 -14.12 1.98
CA ARG B 315 -3.70 -15.05 0.95
C ARG B 315 -3.72 -14.37 -0.43
N LEU B 316 -4.26 -13.14 -0.49
CA LEU B 316 -4.23 -12.42 -1.77
C LEU B 316 -2.79 -12.16 -2.23
N ALA B 317 -1.91 -11.79 -1.30
CA ALA B 317 -0.52 -11.50 -1.68
C ALA B 317 0.17 -12.72 -2.27
N VAL B 318 -0.10 -13.91 -1.72
CA VAL B 318 0.45 -15.14 -2.26
C VAL B 318 -0.12 -15.40 -3.66
N LYS B 319 -1.41 -15.15 -3.83
CA LYS B 319 -1.98 -15.27 -5.17
C LYS B 319 -1.33 -14.30 -6.15
N LEU B 320 -1.03 -13.07 -5.69
CA LEU B 320 -0.38 -12.11 -6.58
C LEU B 320 1.08 -12.49 -6.86
N ASP B 321 1.77 -13.13 -5.90
CA ASP B 321 3.05 -13.76 -6.20
C ASP B 321 2.92 -14.68 -7.41
N PHE B 322 1.93 -15.57 -7.34
CA PHE B 322 1.71 -16.55 -8.40
C PHE B 322 1.37 -15.86 -9.72
N ILE B 323 0.43 -14.92 -9.70
CA ILE B 323 -0.01 -14.30 -10.95
C ILE B 323 1.12 -13.48 -11.57
N THR B 324 1.90 -12.78 -10.73
CA THR B 324 3.02 -11.98 -11.22
C THR B 324 4.00 -12.85 -12.02
N ALA B 325 4.44 -13.96 -11.43
CA ALA B 325 5.40 -14.82 -12.12
C ALA B 325 4.75 -15.55 -13.29
N LEU B 326 3.46 -15.88 -13.17
CA LEU B 326 2.77 -16.51 -14.29
C LEU B 326 2.66 -15.57 -15.47
N LEU B 327 2.40 -14.28 -15.21
CA LEU B 327 2.45 -13.28 -16.26
C LEU B 327 3.83 -13.20 -16.89
N LYS B 328 4.88 -13.11 -16.06
CA LYS B 328 6.23 -13.09 -16.64
C LYS B 328 6.49 -14.32 -17.52
N LYS B 329 6.14 -15.52 -17.04
CA LYS B 329 6.36 -16.74 -17.82
C LYS B 329 5.54 -16.73 -19.12
N SER B 330 4.31 -16.21 -19.06
CA SER B 330 3.49 -16.10 -20.27
C SER B 330 4.13 -15.15 -21.28
N LEU B 331 4.70 -14.04 -20.80
CA LEU B 331 5.35 -13.09 -21.71
C LEU B 331 6.69 -13.61 -22.22
N GLU B 332 7.36 -14.47 -21.45
CA GLU B 332 8.55 -15.15 -21.96
C GLU B 332 8.20 -16.07 -23.11
N CYS B 333 7.16 -16.87 -22.96
CA CYS B 333 6.85 -17.81 -24.03
C CYS B 333 6.21 -17.13 -25.23
N THR B 334 5.49 -16.01 -25.04
CA THR B 334 5.00 -15.30 -26.22
C THR B 334 6.07 -14.41 -26.85
N GLY B 335 7.16 -14.15 -26.13
CA GLY B 335 8.26 -13.38 -26.67
C GLY B 335 8.15 -11.88 -26.55
N THR B 336 7.12 -11.34 -25.91
CA THR B 336 6.94 -9.89 -25.84
C THR B 336 7.60 -9.27 -24.62
N LEU B 337 8.19 -10.08 -23.73
CA LEU B 337 8.82 -9.53 -22.53
C LEU B 337 10.00 -8.62 -22.85
N GLU B 338 10.58 -8.74 -24.04
CA GLU B 338 11.67 -7.84 -24.43
C GLU B 338 11.21 -6.38 -24.55
N PHE B 339 9.93 -6.14 -24.78
CA PHE B 339 9.46 -4.79 -25.12
C PHE B 339 9.36 -3.92 -23.85
N ARG B 340 9.77 -2.66 -23.98
CA ARG B 340 9.79 -1.74 -22.84
C ARG B 340 8.40 -1.59 -22.21
N GLY B 341 7.38 -1.38 -23.04
CA GLY B 341 6.05 -1.18 -22.51
C GLY B 341 5.49 -2.39 -21.80
N VAL B 342 5.88 -3.58 -22.26
CA VAL B 342 5.46 -4.83 -21.63
C VAL B 342 6.15 -4.98 -20.27
N GLN B 343 7.45 -4.72 -20.24
CA GLN B 343 8.17 -4.76 -18.96
C GLN B 343 7.60 -3.75 -17.97
N ALA B 344 7.18 -2.58 -18.45
CA ALA B 344 6.59 -1.60 -17.54
C ALA B 344 5.26 -2.10 -16.98
N ASP B 345 4.43 -2.73 -17.82
CA ASP B 345 3.19 -3.33 -17.34
C ASP B 345 3.48 -4.40 -16.28
N LEU B 346 4.46 -5.26 -16.55
CA LEU B 346 4.82 -6.27 -15.56
C LEU B 346 5.29 -5.61 -14.26
N GLY B 347 6.06 -4.53 -14.38
CA GLY B 347 6.51 -3.82 -13.19
C GLY B 347 5.39 -3.24 -12.37
N GLU B 348 4.30 -2.81 -13.00
CA GLU B 348 3.16 -2.35 -12.22
C GLU B 348 2.49 -3.51 -11.48
N VAL B 349 2.39 -4.67 -12.12
CA VAL B 349 1.85 -5.84 -11.42
C VAL B 349 2.71 -6.16 -10.20
N VAL B 350 4.03 -6.10 -10.36
CA VAL B 350 4.93 -6.28 -9.22
C VAL B 350 4.63 -5.28 -8.11
N ALA B 351 4.40 -4.01 -8.48
CA ALA B 351 4.10 -3.00 -7.47
C ALA B 351 2.81 -3.33 -6.70
N TRP B 352 1.76 -3.78 -7.40
CA TRP B 352 0.54 -4.18 -6.71
C TRP B 352 0.80 -5.38 -5.79
N ARG B 353 1.52 -6.38 -6.30
CA ARG B 353 1.92 -7.51 -5.46
C ARG B 353 2.67 -7.05 -4.21
N ASN B 354 3.65 -6.14 -4.40
CA ASN B 354 4.42 -5.61 -3.27
C ASN B 354 3.52 -4.92 -2.26
N THR B 355 2.50 -4.21 -2.75
CA THR B 355 1.62 -3.42 -1.89
C THR B 355 0.96 -4.28 -0.81
N PHE B 356 0.43 -5.44 -1.20
CA PHE B 356 -0.30 -6.24 -0.21
C PHE B 356 0.63 -6.92 0.78
N TRP B 357 1.86 -7.28 0.36
CA TRP B 357 2.84 -7.71 1.36
C TRP B 357 3.16 -6.57 2.32
N ALA B 358 3.32 -5.35 1.80
CA ALA B 358 3.66 -4.23 2.67
C ALA B 358 2.52 -3.93 3.65
N LEU B 359 1.27 -4.03 3.19
CA LEU B 359 0.15 -3.83 4.10
C LEU B 359 0.17 -4.86 5.22
N SER B 360 0.48 -6.12 4.89
CA SER B 360 0.55 -7.13 5.95
C SER B 360 1.71 -6.87 6.89
N ASP B 361 2.83 -6.32 6.39
CA ASP B 361 3.92 -5.85 7.27
C ASP B 361 3.41 -4.81 8.26
N SER B 362 2.69 -3.80 7.76
CA SER B 362 2.17 -2.75 8.64
C SER B 362 1.16 -3.31 9.62
N MET B 363 0.31 -4.25 9.18
CA MET B 363 -0.63 -4.91 10.09
C MET B 363 0.08 -5.43 11.33
N CYS B 364 1.23 -6.10 11.13
CA CYS B 364 1.96 -6.70 12.25
C CYS B 364 2.79 -5.69 13.01
N SER B 365 3.52 -4.81 12.29
CA SER B 365 4.46 -3.93 12.97
C SER B 365 3.75 -2.89 13.83
N GLU B 366 2.56 -2.45 13.43
CA GLU B 366 1.82 -1.45 14.19
C GLU B 366 0.72 -2.05 15.05
N ALA B 367 0.78 -3.37 15.28
CA ALA B 367 -0.23 -4.04 16.09
C ALA B 367 -0.33 -3.42 17.49
N THR B 368 -1.52 -3.50 18.09
CA THR B 368 -1.82 -2.86 19.36
C THR B 368 -2.36 -3.85 20.38
N PRO B 369 -2.05 -3.66 21.66
CA PRO B 369 -2.70 -4.46 22.72
C PRO B 369 -4.21 -4.23 22.72
N TRP B 370 -4.96 -5.30 22.94
CA TRP B 370 -6.41 -5.26 22.85
C TRP B 370 -7.04 -5.58 24.21
N VAL B 371 -7.30 -6.86 24.51
CA VAL B 371 -7.81 -7.27 25.82
C VAL B 371 -7.15 -8.59 26.17
N ASN B 372 -6.95 -8.82 27.48
CA ASN B 372 -6.42 -10.07 27.99
C ASN B 372 -5.07 -10.41 27.38
N GLY B 373 -4.27 -9.38 27.05
CA GLY B 373 -2.98 -9.58 26.45
C GLY B 373 -2.98 -9.81 24.97
N ALA B 374 -4.15 -10.00 24.35
CA ALA B 374 -4.22 -10.24 22.91
C ALA B 374 -3.82 -8.99 22.16
N TYR B 375 -3.20 -9.19 20.99
CA TYR B 375 -2.81 -8.11 20.10
C TYR B 375 -3.68 -8.17 18.85
N LEU B 376 -4.02 -6.99 18.33
CA LEU B 376 -4.76 -6.88 17.08
C LEU B 376 -3.89 -6.22 16.03
N PRO B 377 -3.94 -6.67 14.78
CA PRO B 377 -3.19 -5.99 13.72
C PRO B 377 -3.66 -4.55 13.54
N ASP B 378 -2.79 -3.74 12.92
CA ASP B 378 -3.13 -2.35 12.64
C ASP B 378 -4.45 -2.26 11.87
N HIS B 379 -5.37 -1.46 12.40
CA HIS B 379 -6.73 -1.45 11.86
C HIS B 379 -6.80 -0.69 10.54
N ALA B 380 -6.09 0.44 10.42
CA ALA B 380 -6.12 1.18 9.16
C ALA B 380 -5.60 0.32 8.01
N ALA B 381 -4.54 -0.46 8.24
CA ALA B 381 -4.03 -1.34 7.20
C ALA B 381 -5.09 -2.34 6.74
N LEU B 382 -5.89 -2.89 7.67
CA LEU B 382 -6.96 -3.80 7.28
C LEU B 382 -7.95 -3.15 6.34
N GLN B 383 -8.42 -1.95 6.70
CA GLN B 383 -9.40 -1.25 5.86
C GLN B 383 -8.80 -0.90 4.51
N THR B 384 -7.51 -0.56 4.49
CA THR B 384 -6.85 -0.18 3.24
C THR B 384 -6.74 -1.36 2.29
N TYR B 385 -6.32 -2.51 2.82
CA TYR B 385 -6.29 -3.71 2.01
C TYR B 385 -7.64 -3.95 1.34
N ARG B 386 -8.72 -3.77 2.10
CA ARG B 386 -10.06 -4.06 1.59
C ARG B 386 -10.44 -3.11 0.46
N VAL B 387 -10.06 -1.84 0.57
CA VAL B 387 -10.38 -0.86 -0.48
C VAL B 387 -9.51 -1.09 -1.71
N LEU B 388 -8.21 -1.35 -1.51
CA LEU B 388 -7.29 -1.44 -2.63
C LEU B 388 -7.43 -2.74 -3.41
N ALA B 389 -7.75 -3.86 -2.75
CA ALA B 389 -7.72 -5.16 -3.41
C ALA B 389 -8.58 -5.22 -4.67
N PRO B 390 -9.84 -4.75 -4.67
CA PRO B 390 -10.62 -4.82 -5.93
C PRO B 390 -10.01 -4.02 -7.05
N MET B 391 -9.48 -2.84 -6.75
CA MET B 391 -8.87 -2.03 -7.80
C MET B 391 -7.62 -2.70 -8.34
N ALA B 392 -6.78 -3.23 -7.45
CA ALA B 392 -5.56 -3.90 -7.87
C ALA B 392 -5.86 -5.12 -8.73
N TYR B 393 -6.83 -5.94 -8.30
CA TYR B 393 -7.12 -7.15 -9.05
C TYR B 393 -7.69 -6.83 -10.42
N ALA B 394 -8.61 -5.85 -10.49
CA ALA B 394 -9.16 -5.46 -11.78
C ALA B 394 -8.07 -4.94 -12.71
N LYS B 395 -7.17 -4.11 -12.18
CA LYS B 395 -6.09 -3.56 -12.99
C LYS B 395 -5.14 -4.65 -13.47
N ILE B 396 -4.80 -5.61 -12.60
CA ILE B 396 -3.88 -6.68 -12.99
C ILE B 396 -4.50 -7.55 -14.09
N LYS B 397 -5.77 -7.91 -13.93
CA LYS B 397 -6.43 -8.70 -14.96
C LYS B 397 -6.44 -7.97 -16.30
N ASN B 398 -6.68 -6.65 -16.26
CA ASN B 398 -6.65 -5.87 -17.50
C ASN B 398 -5.24 -5.81 -18.09
N ILE B 399 -4.21 -5.69 -17.24
CA ILE B 399 -2.83 -5.74 -17.75
C ILE B 399 -2.54 -7.09 -18.40
N ILE B 400 -2.99 -8.18 -17.78
CA ILE B 400 -2.73 -9.49 -18.35
C ILE B 400 -3.39 -9.61 -19.73
N GLU B 401 -4.66 -9.24 -19.82
CA GLU B 401 -5.38 -9.49 -21.07
C GLU B 401 -4.83 -8.63 -22.20
N ARG B 402 -4.42 -7.41 -21.91
CA ARG B 402 -3.91 -6.59 -23.00
C ARG B 402 -2.48 -6.95 -23.38
N ASN B 403 -1.80 -7.81 -22.63
CA ASN B 403 -0.44 -8.22 -22.96
C ASN B 403 -0.33 -9.63 -23.54
N VAL B 404 -1.25 -10.51 -23.20
CA VAL B 404 -1.19 -11.90 -23.66
C VAL B 404 -2.37 -12.06 -24.61
N THR B 405 -2.34 -11.25 -25.66
CA THR B 405 -3.45 -11.02 -26.56
C THR B 405 -3.77 -12.30 -27.31
N SER B 406 -3.16 -12.46 -28.49
CA SER B 406 -3.39 -13.62 -29.33
C SER B 406 -3.18 -14.93 -28.59
N GLY B 407 -2.17 -14.98 -27.72
CA GLY B 407 -1.73 -16.25 -27.17
C GLY B 407 -2.80 -17.05 -26.44
N LEU B 408 -3.82 -16.38 -25.89
CA LEU B 408 -4.84 -17.13 -25.17
C LEU B 408 -6.01 -17.57 -26.04
N ILE B 409 -6.29 -16.90 -27.16
CA ILE B 409 -7.61 -17.08 -27.74
C ILE B 409 -7.75 -18.36 -28.54
N TYR B 410 -6.66 -18.92 -29.07
CA TYR B 410 -6.75 -20.04 -30.00
C TYR B 410 -6.12 -21.34 -29.48
N LEU B 411 -5.70 -21.39 -28.20
CA LEU B 411 -5.21 -22.61 -27.55
C LEU B 411 -6.03 -23.83 -27.94
N PRO B 412 -5.38 -24.92 -28.34
CA PRO B 412 -6.15 -26.11 -28.72
C PRO B 412 -7.00 -26.60 -27.57
N SER B 413 -8.06 -27.32 -27.94
CA SER B 413 -9.13 -27.66 -27.02
C SER B 413 -8.64 -28.51 -25.85
N SER B 414 -7.60 -29.32 -26.05
CA SER B 414 -7.49 -30.44 -25.13
C SER B 414 -6.10 -31.08 -25.16
N ALA B 415 -5.70 -31.64 -24.02
CA ALA B 415 -4.56 -32.54 -24.00
C ALA B 415 -4.74 -33.69 -24.99
N ARG B 416 -6.00 -34.06 -25.29
CA ARG B 416 -6.27 -35.06 -26.31
C ARG B 416 -5.74 -34.65 -27.68
N ASP B 417 -5.68 -33.34 -27.97
CA ASP B 417 -5.07 -32.89 -29.22
C ASP B 417 -3.58 -33.18 -29.25
N LEU B 418 -2.89 -32.97 -28.13
CA LEU B 418 -1.47 -33.26 -28.03
C LEU B 418 -1.20 -34.76 -28.08
N ASN B 419 -2.13 -35.56 -27.60
CA ASN B 419 -1.94 -37.00 -27.53
C ASN B 419 -2.42 -37.72 -28.78
N ASN B 420 -2.97 -37.01 -29.77
CA ASN B 420 -3.28 -37.59 -31.06
C ASN B 420 -2.20 -37.14 -32.04
N PRO B 421 -1.32 -38.04 -32.49
CA PRO B 421 -0.21 -37.61 -33.37
C PRO B 421 -0.68 -36.97 -34.66
N GLN B 422 -1.88 -37.30 -35.13
CA GLN B 422 -2.42 -36.67 -36.34
C GLN B 422 -2.61 -35.16 -36.15
N ILE B 423 -2.91 -34.72 -34.92
CA ILE B 423 -3.06 -33.30 -34.61
C ILE B 423 -1.77 -32.71 -34.09
N ASP B 424 -1.11 -33.46 -33.20
CA ASP B 424 0.10 -32.99 -32.55
C ASP B 424 1.20 -32.63 -33.55
N GLN B 425 1.24 -33.31 -34.71
CA GLN B 425 2.26 -33.00 -35.70
C GLN B 425 2.17 -31.54 -36.14
N TYR B 426 0.97 -30.98 -36.17
CA TYR B 426 0.82 -29.59 -36.57
C TYR B 426 1.05 -28.65 -35.39
N LEU B 427 0.52 -28.99 -34.21
CA LEU B 427 0.77 -28.16 -33.03
C LEU B 427 2.26 -28.03 -32.75
N ALA B 428 3.01 -29.12 -32.98
CA ALA B 428 4.45 -29.11 -32.71
C ALA B 428 5.18 -28.14 -33.63
N LYS B 429 4.65 -27.91 -34.82
CA LYS B 429 5.27 -26.99 -35.76
C LYS B 429 4.79 -25.56 -35.56
N TYR B 430 3.50 -25.38 -35.27
CA TYR B 430 2.88 -24.07 -35.36
C TYR B 430 2.63 -23.39 -34.02
N VAL B 431 2.83 -24.07 -32.88
CA VAL B 431 2.50 -23.43 -31.59
C VAL B 431 3.66 -23.58 -30.61
N ARG B 432 4.89 -23.36 -31.08
CA ARG B 432 6.03 -23.39 -30.16
C ARG B 432 6.11 -22.08 -29.38
N GLY B 433 6.85 -22.14 -28.27
CA GLY B 433 7.16 -20.94 -27.52
C GLY B 433 8.28 -20.15 -28.18
N SER B 434 8.24 -18.83 -27.95
CA SER B 434 9.19 -17.91 -28.57
C SER B 434 10.62 -18.14 -28.12
N ASN B 435 10.82 -18.69 -26.92
CA ASN B 435 12.13 -18.77 -26.30
C ASN B 435 12.67 -20.20 -26.27
N GLY B 436 12.66 -20.90 -27.41
CA GLY B 436 13.19 -22.25 -27.44
C GLY B 436 12.32 -23.27 -26.72
N MET B 437 11.06 -22.96 -26.52
CA MET B 437 10.16 -23.78 -25.72
C MET B 437 9.28 -24.62 -26.63
N ASP B 438 9.07 -25.87 -26.27
CA ASP B 438 8.25 -26.71 -27.14
C ASP B 438 6.77 -26.35 -26.98
N HIS B 439 5.95 -26.86 -27.89
CA HIS B 439 4.54 -26.50 -27.91
C HIS B 439 3.80 -26.99 -26.68
N VAL B 440 4.21 -28.13 -26.12
CA VAL B 440 3.50 -28.66 -24.96
C VAL B 440 3.65 -27.69 -23.78
N GLN B 441 4.85 -27.16 -23.59
CA GLN B 441 5.08 -26.28 -22.46
C GLN B 441 4.44 -24.90 -22.69
N ARG B 442 4.54 -24.36 -23.91
CA ARG B 442 3.84 -23.12 -24.24
C ARG B 442 2.35 -23.22 -23.97
N ILE B 443 1.70 -24.24 -24.54
CA ILE B 443 0.26 -24.36 -24.36
C ILE B 443 -0.08 -24.56 -22.89
N LYS B 444 0.78 -25.28 -22.17
CA LYS B 444 0.55 -25.56 -20.76
C LYS B 444 0.55 -24.27 -19.94
N ILE B 445 1.55 -23.43 -20.16
CA ILE B 445 1.65 -22.16 -19.41
C ILE B 445 0.46 -21.27 -19.70
N LEU B 446 0.11 -21.14 -20.98
CA LEU B 446 -0.97 -20.23 -21.32
C LEU B 446 -2.32 -20.78 -20.88
N LYS B 447 -2.50 -22.11 -20.87
CA LYS B 447 -3.73 -22.66 -20.31
C LYS B 447 -3.83 -22.43 -18.81
N LEU B 448 -2.70 -22.42 -18.11
CA LEU B 448 -2.71 -22.09 -16.69
C LEU B 448 -3.12 -20.63 -16.48
N MET B 449 -2.57 -19.72 -17.29
CA MET B 449 -2.98 -18.32 -17.20
C MET B 449 -4.47 -18.18 -17.51
N TRP B 450 -4.95 -18.89 -18.53
CA TRP B 450 -6.37 -18.80 -18.88
C TRP B 450 -7.27 -19.30 -17.76
N ASP B 451 -6.89 -20.40 -17.11
CA ASP B 451 -7.70 -20.91 -16.00
C ASP B 451 -7.69 -19.92 -14.84
N ALA B 452 -6.61 -19.15 -14.73
CA ALA B 452 -6.50 -18.14 -13.69
C ALA B 452 -7.43 -16.96 -13.92
N ILE B 453 -7.67 -16.56 -15.17
CA ILE B 453 -8.38 -15.30 -15.43
C ILE B 453 -9.64 -15.42 -16.29
N GLY B 454 -9.72 -16.42 -17.18
CA GLY B 454 -10.78 -16.43 -18.18
C GLY B 454 -11.78 -17.58 -18.12
N SER B 455 -11.36 -18.71 -17.54
CA SER B 455 -12.29 -19.80 -17.31
C SER B 455 -13.42 -19.32 -16.41
N GLU B 456 -14.45 -20.17 -16.26
CA GLU B 456 -15.52 -19.80 -15.33
C GLU B 456 -14.99 -19.69 -13.91
N PHE B 457 -14.05 -20.57 -13.53
CA PHE B 457 -13.32 -20.46 -12.28
C PHE B 457 -12.61 -19.11 -12.18
N GLY B 458 -11.90 -18.71 -13.24
CA GLY B 458 -11.26 -17.41 -13.23
C GLY B 458 -12.25 -16.27 -13.10
N GLY B 459 -13.40 -16.37 -13.76
CA GLY B 459 -14.41 -15.33 -13.65
C GLY B 459 -15.01 -15.26 -12.25
N ARG B 460 -15.25 -16.43 -11.66
CA ARG B 460 -15.73 -16.45 -10.27
C ARG B 460 -14.69 -15.83 -9.33
N HIS B 461 -13.41 -16.10 -9.57
CA HIS B 461 -12.40 -15.50 -8.69
C HIS B 461 -12.33 -13.99 -8.88
N GLU B 462 -12.56 -13.50 -10.09
CA GLU B 462 -12.63 -12.05 -10.27
C GLU B 462 -13.78 -11.47 -9.43
N LEU B 463 -14.94 -12.11 -9.48
CA LEU B 463 -16.06 -11.72 -8.65
C LEU B 463 -15.69 -11.75 -7.16
N TYR B 464 -15.02 -12.83 -6.75
CA TYR B 464 -14.63 -13.01 -5.35
C TYR B 464 -13.69 -11.90 -4.88
N GLU B 465 -12.65 -11.60 -5.67
CA GLU B 465 -11.67 -10.61 -5.22
C GLU B 465 -12.23 -9.20 -5.27
N ILE B 466 -13.16 -8.92 -6.18
CA ILE B 466 -13.59 -7.53 -6.37
C ILE B 466 -14.73 -7.17 -5.45
N ASN B 467 -15.71 -8.05 -5.26
CA ASN B 467 -16.97 -7.68 -4.62
C ASN B 467 -17.32 -8.40 -3.34
N TYR B 468 -16.76 -9.58 -3.11
CA TYR B 468 -17.17 -10.41 -1.97
C TYR B 468 -17.08 -9.69 -0.63
N SER B 469 -16.00 -8.92 -0.40
CA SER B 469 -15.82 -8.22 0.87
C SER B 469 -16.86 -7.14 1.14
N GLY B 470 -17.78 -6.91 0.21
CA GLY B 470 -18.79 -5.89 0.33
C GLY B 470 -18.81 -5.00 -0.89
N SER B 471 -19.83 -4.15 -0.93
CA SER B 471 -19.95 -3.23 -2.05
C SER B 471 -18.82 -2.21 -1.99
N GLN B 472 -18.51 -1.63 -3.16
CA GLN B 472 -17.42 -0.67 -3.24
C GLN B 472 -17.66 0.54 -2.34
N ASP B 473 -18.92 0.99 -2.24
CA ASP B 473 -19.24 2.08 -1.32
C ASP B 473 -19.00 1.66 0.12
N GLU B 474 -19.51 0.50 0.51
CA GLU B 474 -19.45 0.11 1.91
C GLU B 474 -18.02 -0.07 2.39
N ILE B 475 -17.15 -0.65 1.55
CA ILE B 475 -15.76 -0.82 2.00
C ILE B 475 -15.07 0.54 2.15
N ARG B 476 -15.44 1.51 1.31
CA ARG B 476 -14.87 2.85 1.47
C ARG B 476 -15.44 3.56 2.70
N LEU B 477 -16.73 3.38 2.97
CA LEU B 477 -17.32 3.93 4.19
C LEU B 477 -16.68 3.33 5.43
N GLN B 478 -16.42 2.02 5.42
CA GLN B 478 -15.76 1.41 6.57
C GLN B 478 -14.37 1.98 6.77
N CYS B 479 -13.67 2.29 5.67
CA CYS B 479 -12.37 2.93 5.79
C CYS B 479 -12.49 4.33 6.42
N LEU B 480 -13.46 5.12 5.96
CA LEU B 480 -13.68 6.43 6.55
C LEU B 480 -14.06 6.31 8.03
N ARG B 481 -14.95 5.37 8.37
CA ARG B 481 -15.37 5.25 9.76
C ARG B 481 -14.21 4.85 10.67
N GLN B 482 -13.32 3.99 10.19
CA GLN B 482 -12.14 3.64 11.00
C GLN B 482 -11.29 4.87 11.26
N ALA B 483 -11.07 5.71 10.24
CA ALA B 483 -10.27 6.91 10.45
C ALA B 483 -10.95 7.85 11.44
N GLN B 484 -12.27 7.95 11.38
CA GLN B 484 -12.96 8.82 12.33
C GLN B 484 -12.99 8.22 13.73
N ASN B 485 -13.37 6.93 13.84
CA ASN B 485 -13.51 6.32 15.16
C ASN B 485 -12.18 6.24 15.91
N SER B 486 -11.08 6.04 15.19
CA SER B 486 -9.77 5.96 15.80
C SER B 486 -9.24 7.30 16.27
N GLY B 487 -9.86 8.41 15.85
CA GLY B 487 -9.29 9.72 16.08
C GLY B 487 -8.29 10.19 15.04
N ASN B 488 -7.94 9.34 14.05
CA ASN B 488 -7.02 9.76 12.99
C ASN B 488 -7.57 10.96 12.22
N MET B 489 -8.87 10.95 11.89
CA MET B 489 -9.43 12.07 11.13
C MET B 489 -9.37 13.37 11.92
N ASP B 490 -9.67 13.32 13.22
CA ASP B 490 -9.59 14.55 13.99
C ASP B 490 -8.15 15.02 14.12
N LYS B 491 -7.18 14.11 14.14
CA LYS B 491 -5.78 14.52 14.14
C LYS B 491 -5.39 15.18 12.81
N MET B 492 -5.82 14.60 11.70
CA MET B 492 -5.60 15.27 10.41
C MET B 492 -6.30 16.62 10.36
N MET B 493 -7.54 16.68 10.86
CA MET B 493 -8.27 17.95 10.89
C MET B 493 -7.56 18.99 11.75
N ALA B 494 -6.89 18.57 12.83
CA ALA B 494 -6.17 19.53 13.67
C ALA B 494 -5.08 20.24 12.88
N MET B 495 -4.42 19.53 11.96
CA MET B 495 -3.42 20.16 11.11
C MET B 495 -4.04 21.19 10.17
N VAL B 496 -5.18 20.86 9.55
CA VAL B 496 -5.87 21.82 8.68
C VAL B 496 -6.31 23.05 9.49
N ASP B 497 -6.86 22.82 10.69
CA ASP B 497 -7.29 23.94 11.53
C ASP B 497 -6.10 24.81 11.93
N ARG B 498 -4.95 24.19 12.20
CA ARG B 498 -3.77 24.99 12.53
C ARG B 498 -3.38 25.88 11.35
N CYS B 499 -3.38 25.31 10.14
CA CYS B 499 -3.09 26.08 8.94
C CYS B 499 -4.04 27.28 8.81
N LEU B 500 -5.35 27.03 8.94
CA LEU B 500 -6.32 28.11 8.81
C LEU B 500 -6.13 29.18 9.89
N SER B 501 -5.68 28.78 11.08
CA SER B 501 -5.51 29.72 12.18
C SER B 501 -4.37 30.68 11.97
N GLU B 502 -3.49 30.43 11.01
CA GLU B 502 -2.27 31.21 10.86
C GLU B 502 -2.44 32.43 9.96
N TYR B 503 -3.65 32.68 9.47
CA TYR B 503 -3.93 33.88 8.69
C TYR B 503 -5.42 34.18 8.79
N ASP B 504 -5.80 35.38 8.35
CA ASP B 504 -7.20 35.78 8.29
C ASP B 504 -7.33 36.78 7.14
N GLN B 505 -8.51 37.41 7.03
CA GLN B 505 -8.75 38.29 5.89
C GLN B 505 -7.91 39.56 5.95
N ASP B 506 -7.20 39.82 7.05
CA ASP B 506 -6.33 40.98 7.13
C ASP B 506 -4.85 40.65 6.96
N GLY B 507 -4.47 39.38 6.97
CA GLY B 507 -3.10 38.98 6.72
C GLY B 507 -2.70 37.83 7.62
N TRP B 508 -1.38 37.68 7.82
CA TRP B 508 -0.88 36.62 8.67
C TRP B 508 -1.25 36.89 10.13
N THR B 509 -1.42 35.82 10.90
CA THR B 509 -1.57 35.96 12.34
C THR B 509 -0.36 35.45 13.08
N VAL B 510 0.67 35.00 12.36
CA VAL B 510 1.90 34.51 12.97
C VAL B 510 3.03 35.49 12.63
N PRO B 511 4.02 35.66 13.52
CA PRO B 511 5.02 36.71 13.30
C PRO B 511 6.12 36.37 12.29
N HIS B 512 6.34 35.09 11.96
CA HIS B 512 7.53 34.77 11.18
C HIS B 512 7.37 35.04 9.69
N LEU B 513 6.16 35.29 9.21
CA LEU B 513 5.95 35.51 7.78
C LEU B 513 5.79 36.99 7.49
N HIS B 514 6.08 37.37 6.24
CA HIS B 514 6.08 38.76 5.82
C HIS B 514 4.68 39.18 5.39
N ASN B 515 4.22 40.30 5.96
CA ASN B 515 3.10 41.07 5.44
C ASN B 515 3.35 41.43 3.97
N ASN B 516 2.33 41.23 3.12
CA ASN B 516 2.50 41.57 1.70
C ASN B 516 2.11 43.02 1.38
N ASP B 517 1.81 43.84 2.39
CA ASP B 517 1.43 45.23 2.11
C ASP B 517 2.52 45.98 1.37
N ASP B 518 3.79 45.64 1.61
CA ASP B 518 4.89 46.35 0.95
C ASP B 518 5.04 45.96 -0.52
N ILE B 519 4.43 44.87 -0.97
CA ILE B 519 4.57 44.43 -2.36
C ILE B 519 3.23 44.32 -3.07
N ASN B 520 2.13 44.56 -2.38
CA ASN B 520 0.82 44.38 -3.01
C ASN B 520 0.54 45.53 -3.97
N MET B 521 0.21 45.18 -5.21
CA MET B 521 0.08 46.14 -6.29
C MET B 521 -1.36 46.43 -6.68
N LEU B 522 -2.33 45.91 -5.92
CA LEU B 522 -3.72 45.99 -6.38
C LEU B 522 -4.24 47.44 -6.33
N ASP B 523 -3.83 48.22 -5.33
CA ASP B 523 -4.20 49.63 -5.29
C ASP B 523 -3.73 50.37 -6.55
N LYS B 524 -2.44 50.21 -6.89
CA LYS B 524 -1.91 50.82 -8.12
C LYS B 524 -2.71 50.39 -9.35
N LEU B 525 -3.03 49.12 -9.44
CA LEU B 525 -3.69 48.61 -10.64
C LEU B 525 -5.12 49.12 -10.77
N LEU B 526 -5.79 49.34 -9.65
CA LEU B 526 -7.23 49.56 -9.70
C LEU B 526 -7.62 50.96 -9.27
#